data_5UK8
#
_entry.id   5UK8
#
_cell.length_a   104.028
_cell.length_b   107.097
_cell.length_c   134.706
_cell.angle_alpha   90.000
_cell.angle_beta   90.000
_cell.angle_gamma   90.000
#
_symmetry.space_group_name_H-M   'P 21 21 21'
#
loop_
_entity.id
_entity.type
_entity.pdbx_description
1 polymer 'Phosphatidylinositol 4,5-bisphosphate 3-kinase catalytic subunit alpha isoform'
2 polymer 'Phosphatidylinositol 3-kinase regulatory subunit alpha'
3 non-polymer (R)-4-(6-(1-(cyclopropylsulfonyl)cyclopropyl)-2-(1H-indol-4-yl)pyrimidin-4-yl)-3-methylmorpholine
4 water water
#
loop_
_entity_poly.entity_id
_entity_poly.type
_entity_poly.pdbx_seq_one_letter_code
_entity_poly.pdbx_strand_id
1 'polypeptide(L)'
;MPPRPSSGELWGIHLMPPRILVECLLPNGMIVTLECLREATLITIKHELFKEARKYPLHQLLQDESSYIFVSVTQEAERE
EFFDETRRLCDLRLFQPFLKVIEPVGNREEKILNREIGFAIGMPVCEFDMVKDPEVQDFRRNILNVCKEAVDLRDLNSPH
SRAMYVYPPNVESSPELPKHIYNKLDKGQIIVVIWVIVSPNNDKQKYTLKINHDCVPEQVIAEAIRKKTRSKKLSSEQLK
LCVLEYQGKYILKVCGCDEYFLEKYPLSQYKYIRSCIMLGRMPNLMLMAKESLYSQLPMDCFTMPSYSRRISTATPYMNG
ETSTKSLWVINSALRIKILCATYVNVNIRDIDKIYVRTGIYHGGEPLCDNVNTQRVPCSNPRWNEWLNYDIYIPDLPRAA
RLCLSICSVKGRKGAKEEHCPLAWGNINLFDYTDTLVSGKMALNLWPVPHGLEDLLNPIGVTGSNPNKETPCLELEFDWF
SSVVKFPDMSVIEEHANWSVSREAGFSYSHAGLSNRLARDNELRENDKEQLKAISTRDPLSEITEQEKDFLWSHRHYCVT
IPEILPKLLLSVKWNSRDEVAQMYCLVKDWPPIKPEQAMELLDCNYPDPMVRGFAVRCLEKYLTDDKLSQYLIQLVQVLK
YEQYLDNLLVRFLLKKALTNQRIGHFFFWHLKSEMHNKTVSQRFGLLLESYCRACGMYLKHLNRQVEAMEKLINLTDILK
QEKKDETQKVQMKFLVEQMRRPDFMDALQGFLSPLNPAHQLGNLRLEECEIMSSAKRPLKLNWENPDIMSELLFQNNIIM
FKNGDDLRQDMLTLQIIRIMENIWQNQGLDLRMLPYGCLSIGDCVGLIEWVRNSHTIMQIQCKGGLKGALQFNSHTLHQW
LKDKNKGEIYDAAIDLFTRSCAGYCVATFILGIGDRHNSNIMVKDDGQLVHIDFGHFLDHKKKKFGYKRERVPFVLTQDF
LIVISKGAQECTKTREFERFQEMCYKAYLAIRQHANLFINLFSMMLGSGMPELQSFDDIAYIRKTLALDKTEQEALEYFM
KQMNDAHHGGWTTKMDWIFHTIKQHALNHHHHHH
;
A
2 'polypeptide(L)'
;MHNLQYLPPKPPKPTTVANNGMNNNMSLQDAEWYWGDISREEVNEKLRDTADGTFLVRDASTKMHGDYTLTLRKGGNNKL
IKIFHRDGKYGFSDPLTFSSVVELINHYRNESLAQYNPKLDVKLLYPVSKYQQDQVVKEDNIEAVGKKLHEYNTQFQEKS
REYDRLYEEYTRTSQEIQMKRTAIEAFNETIKIFEEQCQTQERYSKEYIEKFKREGNEKEIQRIMHNYDKLKSRISEIID
SRRRLEEDLKKQAAEYREIDKRMNSIKPDLIQLRKTRDQYLMWLTQKGVRQKK
;
B
#
# COMPACT_ATOMS: atom_id res chain seq x y z
N PRO A 2 -19.77 6.42 -9.82
CA PRO A 2 -18.34 6.51 -9.49
C PRO A 2 -18.12 6.88 -8.01
N PRO A 3 -16.89 6.85 -7.42
CA PRO A 3 -16.75 7.30 -6.01
C PRO A 3 -16.95 8.83 -5.89
N ARG A 4 -17.60 9.28 -4.77
CA ARG A 4 -17.92 10.71 -4.55
C ARG A 4 -16.67 11.63 -4.71
N PRO A 5 -16.88 12.81 -5.35
CA PRO A 5 -15.74 13.74 -5.58
C PRO A 5 -15.08 14.29 -4.30
N SER A 6 -15.89 14.54 -3.26
CA SER A 6 -15.49 15.08 -1.95
C SER A 6 -16.26 14.34 -0.82
N SER A 7 -16.08 14.80 0.45
CA SER A 7 -16.81 14.30 1.61
C SER A 7 -17.92 15.31 2.04
N GLY A 8 -18.27 16.25 1.13
CA GLY A 8 -19.27 17.30 1.34
C GLY A 8 -20.69 16.82 1.60
N GLU A 9 -21.55 17.68 2.16
CA GLU A 9 -22.95 17.35 2.44
C GLU A 9 -23.85 17.42 1.20
N LEU A 10 -23.40 18.15 0.16
CA LEU A 10 -24.02 18.32 -1.16
C LEU A 10 -22.88 18.53 -2.16
N TRP A 11 -23.18 18.60 -3.46
CA TRP A 11 -22.13 18.86 -4.45
C TRP A 11 -21.75 20.33 -4.46
N GLY A 12 -20.47 20.59 -4.20
CA GLY A 12 -19.90 21.93 -4.12
C GLY A 12 -20.30 22.75 -2.90
N ILE A 13 -20.75 22.08 -1.82
CA ILE A 13 -21.16 22.63 -0.51
C ILE A 13 -20.69 21.63 0.56
N HIS A 14 -19.58 21.95 1.25
CA HIS A 14 -19.03 21.08 2.30
C HIS A 14 -20.01 20.88 3.45
N LEU A 15 -20.63 21.95 3.94
CA LEU A 15 -21.58 21.86 5.04
C LEU A 15 -22.87 22.55 4.70
N MET A 16 -24.00 21.83 4.80
CA MET A 16 -25.33 22.40 4.58
C MET A 16 -25.59 23.51 5.63
N PRO A 17 -26.33 24.59 5.26
CA PRO A 17 -26.67 25.63 6.26
C PRO A 17 -27.64 25.08 7.33
N PRO A 18 -27.93 25.81 8.45
CA PRO A 18 -28.84 25.25 9.48
C PRO A 18 -30.21 24.83 8.97
N ARG A 19 -30.80 25.64 8.07
CA ARG A 19 -32.08 25.38 7.40
C ARG A 19 -31.82 25.39 5.90
N ILE A 20 -32.45 24.47 5.19
CA ILE A 20 -32.24 24.30 3.74
C ILE A 20 -33.56 23.94 3.03
N LEU A 21 -33.75 24.47 1.81
CA LEU A 21 -34.94 24.17 1.01
C LEU A 21 -34.74 22.88 0.22
N VAL A 22 -35.73 21.97 0.29
CA VAL A 22 -35.68 20.66 -0.35
C VAL A 22 -36.85 20.50 -1.33
N GLU A 23 -36.57 20.08 -2.59
CA GLU A 23 -37.59 19.82 -3.62
C GLU A 23 -38.10 18.42 -3.40
N CYS A 24 -39.42 18.30 -3.15
CA CYS A 24 -40.07 17.01 -2.90
C CYS A 24 -41.02 16.61 -4.02
N LEU A 25 -40.58 15.68 -4.85
CA LEU A 25 -41.30 15.17 -6.01
C LEU A 25 -42.26 14.07 -5.60
N LEU A 26 -43.53 14.45 -5.44
CA LEU A 26 -44.62 13.57 -5.01
C LEU A 26 -45.03 12.57 -6.07
N PRO A 27 -45.65 11.43 -5.70
CA PRO A 27 -45.97 10.41 -6.71
C PRO A 27 -47.15 10.73 -7.63
N ASN A 28 -47.84 11.84 -7.36
CA ASN A 28 -48.97 12.33 -8.13
C ASN A 28 -48.48 13.38 -9.15
N GLY A 29 -47.17 13.52 -9.30
CA GLY A 29 -46.55 14.48 -10.20
C GLY A 29 -46.33 15.86 -9.64
N MET A 30 -46.76 16.16 -8.40
CA MET A 30 -46.57 17.49 -7.81
C MET A 30 -45.18 17.65 -7.22
N ILE A 31 -44.67 18.90 -7.20
CA ILE A 31 -43.39 19.30 -6.61
C ILE A 31 -43.64 20.28 -5.43
N VAL A 32 -43.17 19.93 -4.21
CA VAL A 32 -43.32 20.79 -3.00
C VAL A 32 -41.94 21.21 -2.47
N THR A 33 -41.74 22.53 -2.24
CA THR A 33 -40.48 23.07 -1.67
C THR A 33 -40.71 23.20 -0.18
N LEU A 34 -39.99 22.39 0.57
CA LEU A 34 -40.09 22.26 2.00
C LEU A 34 -38.80 22.75 2.61
N GLU A 35 -38.87 23.57 3.66
CA GLU A 35 -37.67 24.03 4.33
C GLU A 35 -37.40 23.06 5.47
N CYS A 36 -36.21 22.44 5.48
CA CYS A 36 -35.81 21.45 6.50
C CYS A 36 -34.58 21.86 7.29
N LEU A 37 -34.46 21.35 8.53
CA LEU A 37 -33.27 21.54 9.35
C LEU A 37 -32.22 20.57 8.77
N ARG A 38 -30.95 20.94 8.74
CA ARG A 38 -29.93 20.07 8.13
C ARG A 38 -29.78 18.70 8.83
N GLU A 39 -30.09 18.64 10.12
CA GLU A 39 -29.97 17.44 10.93
C GLU A 39 -31.32 16.72 11.12
N ALA A 40 -32.37 17.14 10.36
CA ALA A 40 -33.68 16.49 10.40
C ALA A 40 -33.56 15.09 9.80
N THR A 41 -34.31 14.12 10.35
CA THR A 41 -34.29 12.75 9.86
C THR A 41 -35.36 12.61 8.82
N LEU A 42 -35.28 11.53 8.03
CA LEU A 42 -36.25 11.23 6.97
C LEU A 42 -37.66 11.01 7.48
N ILE A 43 -37.81 10.51 8.73
CA ILE A 43 -39.09 10.26 9.43
C ILE A 43 -39.84 11.60 9.56
N THR A 44 -39.11 12.62 10.06
CA THR A 44 -39.55 13.99 10.28
C THR A 44 -39.97 14.63 8.97
N ILE A 45 -39.03 14.71 8.01
CA ILE A 45 -39.21 15.28 6.66
C ILE A 45 -40.43 14.68 5.95
N LYS A 46 -40.57 13.34 5.95
CA LYS A 46 -41.69 12.64 5.30
C LYS A 46 -43.05 13.01 5.90
N HIS A 47 -43.10 13.20 7.22
CA HIS A 47 -44.31 13.58 7.92
C HIS A 47 -44.68 15.00 7.59
N GLU A 48 -43.66 15.90 7.56
CA GLU A 48 -43.85 17.33 7.25
C GLU A 48 -44.25 17.52 5.79
N LEU A 49 -43.75 16.63 4.91
CA LEU A 49 -44.07 16.67 3.47
C LEU A 49 -45.53 16.28 3.22
N PHE A 50 -45.98 15.16 3.81
CA PHE A 50 -47.33 14.67 3.63
C PHE A 50 -48.38 15.61 4.26
N LYS A 51 -47.99 16.43 5.26
CA LYS A 51 -48.85 17.46 5.87
C LYS A 51 -49.07 18.60 4.87
N GLU A 52 -47.95 19.13 4.31
CA GLU A 52 -47.91 20.21 3.33
C GLU A 52 -48.57 19.81 2.00
N ALA A 53 -48.44 18.53 1.60
CA ALA A 53 -48.99 17.96 0.37
C ALA A 53 -50.51 18.09 0.23
N ARG A 54 -51.25 18.19 1.35
CA ARG A 54 -52.71 18.34 1.37
C ARG A 54 -53.10 19.75 0.90
N LYS A 55 -52.20 20.74 1.11
CA LYS A 55 -52.40 22.12 0.66
C LYS A 55 -52.05 22.22 -0.85
N TYR A 56 -51.92 21.07 -1.57
CA TYR A 56 -51.49 21.01 -2.98
C TYR A 56 -52.44 20.20 -3.86
N PRO A 57 -52.52 20.51 -5.18
CA PRO A 57 -53.45 19.77 -6.05
C PRO A 57 -53.19 18.27 -6.14
N LEU A 58 -54.25 17.50 -6.44
CA LEU A 58 -54.26 16.03 -6.57
C LEU A 58 -53.81 15.28 -5.30
N HIS A 59 -54.01 15.87 -4.10
CA HIS A 59 -53.64 15.19 -2.85
C HIS A 59 -54.46 13.91 -2.60
N GLN A 60 -55.65 13.80 -3.21
CA GLN A 60 -56.53 12.64 -3.10
C GLN A 60 -55.90 11.37 -3.68
N LEU A 61 -54.91 11.53 -4.60
CA LEU A 61 -54.18 10.39 -5.19
C LEU A 61 -53.10 9.84 -4.23
N LEU A 62 -52.66 10.65 -3.25
CA LEU A 62 -51.63 10.27 -2.28
C LEU A 62 -52.12 9.24 -1.26
N GLN A 63 -51.40 8.12 -1.18
CA GLN A 63 -51.66 7.07 -0.19
C GLN A 63 -51.12 7.58 1.18
N ASP A 64 -51.12 6.70 2.19
CA ASP A 64 -50.64 6.94 3.55
C ASP A 64 -49.13 7.26 3.49
N GLU A 65 -48.61 8.10 4.40
CA GLU A 65 -47.16 8.42 4.37
C GLU A 65 -46.26 7.21 4.66
N SER A 66 -46.82 6.17 5.32
CA SER A 66 -46.14 4.94 5.68
C SER A 66 -45.99 3.95 4.50
N SER A 67 -46.64 4.21 3.36
CA SER A 67 -46.51 3.31 2.21
C SER A 67 -45.43 3.79 1.22
N TYR A 68 -44.77 4.90 1.58
CA TYR A 68 -43.77 5.50 0.72
C TYR A 68 -42.39 5.56 1.35
N ILE A 69 -41.37 5.74 0.51
CA ILE A 69 -39.99 5.99 0.91
C ILE A 69 -39.46 7.06 0.00
N PHE A 70 -38.29 7.62 0.37
CA PHE A 70 -37.56 8.60 -0.41
C PHE A 70 -36.43 7.93 -1.19
N VAL A 71 -36.18 8.42 -2.39
CA VAL A 71 -35.11 8.05 -3.30
C VAL A 71 -34.55 9.40 -3.77
N SER A 72 -33.28 9.47 -4.12
CA SER A 72 -32.64 10.69 -4.64
C SER A 72 -31.34 10.28 -5.34
N VAL A 73 -30.61 11.26 -5.91
CA VAL A 73 -29.30 11.04 -6.57
C VAL A 73 -28.18 11.42 -5.55
N THR A 74 -27.28 10.47 -5.31
CA THR A 74 -26.16 10.64 -4.40
C THR A 74 -24.96 11.24 -5.10
N GLN A 75 -23.95 11.66 -4.32
CA GLN A 75 -22.71 12.24 -4.84
C GLN A 75 -21.92 11.21 -5.67
N GLU A 76 -22.28 9.92 -5.50
CA GLU A 76 -21.73 8.79 -6.25
C GLU A 76 -22.44 8.61 -7.60
N ALA A 77 -23.40 9.53 -7.95
CA ALA A 77 -24.21 9.55 -9.17
C ALA A 77 -25.22 8.39 -9.23
N GLU A 78 -25.47 7.75 -8.08
CA GLU A 78 -26.41 6.64 -7.94
C GLU A 78 -27.75 7.17 -7.46
N ARG A 79 -28.84 6.48 -7.80
CA ARG A 79 -30.14 6.82 -7.25
C ARG A 79 -30.35 5.82 -6.15
N GLU A 80 -30.38 6.32 -4.91
CA GLU A 80 -30.45 5.49 -3.71
C GLU A 80 -31.80 5.56 -3.06
N GLU A 81 -32.32 4.39 -2.69
CA GLU A 81 -33.58 4.20 -1.99
C GLU A 81 -33.27 4.26 -0.52
N PHE A 82 -33.95 5.12 0.21
CA PHE A 82 -33.66 5.31 1.62
C PHE A 82 -34.63 4.54 2.52
N PHE A 83 -34.32 3.26 2.76
CA PHE A 83 -35.11 2.40 3.62
C PHE A 83 -34.96 2.74 5.12
N ASP A 84 -33.78 3.23 5.53
CA ASP A 84 -33.46 3.64 6.89
C ASP A 84 -33.85 5.14 7.01
N GLU A 85 -35.09 5.38 7.44
CA GLU A 85 -35.66 6.71 7.59
C GLU A 85 -35.21 7.43 8.88
N THR A 86 -34.31 6.79 9.66
CA THR A 86 -33.77 7.38 10.88
C THR A 86 -32.56 8.23 10.48
N ARG A 87 -32.11 8.11 9.20
CA ARG A 87 -30.95 8.85 8.70
C ARG A 87 -31.25 10.33 8.57
N ARG A 88 -30.24 11.17 8.85
CA ARG A 88 -30.30 12.64 8.81
C ARG A 88 -29.98 13.13 7.44
N LEU A 89 -30.69 14.19 7.01
CA LEU A 89 -30.53 14.87 5.74
C LEU A 89 -29.04 15.15 5.36
N CYS A 90 -28.26 15.73 6.28
CA CYS A 90 -26.84 16.04 6.04
C CYS A 90 -25.94 14.78 5.79
N ASP A 91 -26.36 13.62 6.33
CA ASP A 91 -25.68 12.30 6.20
C ASP A 91 -26.04 11.48 4.95
N LEU A 92 -26.96 11.99 4.12
CA LEU A 92 -27.47 11.27 2.94
C LEU A 92 -26.53 11.25 1.74
N ARG A 93 -25.56 12.21 1.66
CA ARG A 93 -24.60 12.38 0.54
C ARG A 93 -25.34 12.69 -0.76
N LEU A 94 -26.36 13.56 -0.67
CA LEU A 94 -27.15 14.01 -1.81
C LEU A 94 -26.30 14.87 -2.75
N PHE A 95 -26.57 14.75 -4.06
CA PHE A 95 -25.93 15.53 -5.09
C PHE A 95 -26.54 16.94 -5.08
N GLN A 96 -27.90 17.03 -5.19
CA GLN A 96 -28.68 18.27 -5.15
C GLN A 96 -29.76 18.07 -4.09
N PRO A 97 -30.24 19.15 -3.41
CA PRO A 97 -31.23 18.96 -2.37
C PRO A 97 -32.65 18.68 -2.90
N PHE A 98 -32.88 17.44 -3.26
CA PHE A 98 -34.17 16.98 -3.72
C PHE A 98 -34.43 15.58 -3.21
N LEU A 99 -35.70 15.23 -3.10
CA LEU A 99 -36.14 13.90 -2.66
C LEU A 99 -37.36 13.46 -3.47
N LYS A 100 -37.34 12.24 -3.99
CA LYS A 100 -38.45 11.67 -4.72
C LYS A 100 -39.15 10.55 -3.91
N VAL A 101 -40.49 10.69 -3.75
CA VAL A 101 -41.40 9.79 -3.07
C VAL A 101 -41.76 8.61 -4.01
N ILE A 102 -41.50 7.40 -3.56
CA ILE A 102 -41.75 6.17 -4.32
C ILE A 102 -42.34 5.11 -3.39
N GLU A 103 -42.73 3.99 -3.98
CA GLU A 103 -43.22 2.84 -3.25
C GLU A 103 -42.10 1.81 -3.24
N PRO A 104 -41.67 1.40 -2.03
CA PRO A 104 -40.57 0.44 -1.93
C PRO A 104 -40.87 -0.90 -2.62
N VAL A 105 -40.02 -1.24 -3.58
CA VAL A 105 -40.13 -2.46 -4.38
C VAL A 105 -38.86 -3.31 -4.21
N GLY A 106 -38.85 -4.48 -4.85
CA GLY A 106 -37.73 -5.42 -4.90
C GLY A 106 -37.42 -6.09 -3.59
N ASN A 107 -36.21 -6.67 -3.51
CA ASN A 107 -35.69 -7.35 -2.32
C ASN A 107 -35.14 -6.31 -1.36
N ARG A 108 -35.94 -5.92 -0.37
CA ARG A 108 -35.64 -4.92 0.64
C ARG A 108 -34.34 -5.27 1.37
N GLU A 109 -34.28 -6.49 1.95
CA GLU A 109 -33.15 -7.04 2.73
C GLU A 109 -31.79 -6.91 2.00
N GLU A 110 -31.78 -7.25 0.68
CA GLU A 110 -30.60 -7.22 -0.19
C GLU A 110 -30.14 -5.81 -0.59
N LYS A 111 -31.10 -4.91 -0.85
CA LYS A 111 -30.88 -3.52 -1.23
C LYS A 111 -30.21 -2.79 -0.09
N ILE A 112 -30.63 -3.11 1.15
CA ILE A 112 -30.12 -2.55 2.39
C ILE A 112 -28.67 -3.02 2.60
N LEU A 113 -28.40 -4.34 2.42
CA LEU A 113 -27.06 -4.90 2.55
C LEU A 113 -26.07 -4.34 1.53
N ASN A 114 -26.48 -4.24 0.25
CA ASN A 114 -25.69 -3.69 -0.84
C ASN A 114 -25.31 -2.22 -0.65
N ARG A 115 -26.17 -1.46 0.03
CA ARG A 115 -25.96 -0.04 0.34
C ARG A 115 -24.88 0.06 1.45
N GLU A 116 -24.97 -0.85 2.44
CA GLU A 116 -24.03 -0.98 3.55
C GLU A 116 -22.63 -1.34 3.03
N ILE A 117 -22.56 -2.29 2.06
CA ILE A 117 -21.30 -2.74 1.44
C ILE A 117 -20.73 -1.56 0.64
N GLY A 118 -21.54 -1.00 -0.25
CA GLY A 118 -21.17 0.12 -1.10
C GLY A 118 -20.65 1.32 -0.31
N PHE A 119 -21.23 1.57 0.90
CA PHE A 119 -20.84 2.65 1.78
C PHE A 119 -19.44 2.39 2.32
N ALA A 120 -19.19 1.16 2.84
CA ALA A 120 -17.89 0.77 3.38
C ALA A 120 -16.76 0.89 2.37
N ILE A 121 -17.03 0.51 1.12
CA ILE A 121 -16.05 0.54 0.03
C ILE A 121 -15.94 1.90 -0.67
N GLY A 122 -16.90 2.79 -0.45
CA GLY A 122 -16.97 4.09 -1.11
C GLY A 122 -17.12 3.98 -2.61
N MET A 123 -18.05 3.11 -3.04
CA MET A 123 -18.34 2.80 -4.43
C MET A 123 -19.67 2.03 -4.50
N PRO A 124 -20.63 2.39 -5.40
CA PRO A 124 -21.91 1.64 -5.46
C PRO A 124 -21.80 0.25 -6.09
N VAL A 125 -22.23 -0.79 -5.33
CA VAL A 125 -22.25 -2.23 -5.67
C VAL A 125 -22.79 -2.50 -7.08
N CYS A 126 -23.81 -1.71 -7.50
CA CYS A 126 -24.49 -1.72 -8.79
C CYS A 126 -23.53 -1.56 -9.98
N GLU A 127 -22.42 -0.83 -9.78
CA GLU A 127 -21.42 -0.61 -10.83
C GLU A 127 -20.77 -1.90 -11.29
N PHE A 128 -20.63 -2.87 -10.36
CA PHE A 128 -20.07 -4.18 -10.66
C PHE A 128 -21.00 -5.00 -11.55
N ASP A 129 -22.33 -4.92 -11.31
CA ASP A 129 -23.37 -5.61 -12.09
C ASP A 129 -23.36 -5.25 -13.57
N MET A 130 -23.03 -3.98 -13.85
CA MET A 130 -22.98 -3.41 -15.21
C MET A 130 -21.78 -3.90 -16.05
N VAL A 131 -20.63 -4.24 -15.41
CA VAL A 131 -19.36 -4.66 -16.03
C VAL A 131 -19.52 -5.84 -17.02
N LYS A 132 -19.10 -5.61 -18.29
CA LYS A 132 -19.14 -6.55 -19.42
C LYS A 132 -18.12 -7.68 -19.34
N ASP A 133 -16.89 -7.41 -18.81
CA ASP A 133 -15.82 -8.40 -18.71
C ASP A 133 -16.27 -9.71 -18.01
N PRO A 134 -16.13 -10.87 -18.71
CA PRO A 134 -16.51 -12.16 -18.08
C PRO A 134 -15.63 -12.56 -16.89
N GLU A 135 -14.37 -12.09 -16.86
CA GLU A 135 -13.43 -12.36 -15.75
C GLU A 135 -13.96 -11.78 -14.45
N VAL A 136 -14.51 -10.56 -14.52
CA VAL A 136 -15.10 -9.83 -13.40
C VAL A 136 -16.33 -10.60 -12.88
N GLN A 137 -17.31 -10.90 -13.79
CA GLN A 137 -18.52 -11.63 -13.42
C GLN A 137 -18.22 -13.04 -12.91
N ASP A 138 -17.18 -13.71 -13.46
CA ASP A 138 -16.76 -15.01 -12.96
C ASP A 138 -16.14 -14.88 -11.55
N PHE A 139 -15.32 -13.83 -11.32
CA PHE A 139 -14.72 -13.55 -10.02
C PHE A 139 -15.84 -13.41 -8.98
N ARG A 140 -16.78 -12.49 -9.21
CA ARG A 140 -17.92 -12.21 -8.33
C ARG A 140 -18.69 -13.44 -7.91
N ARG A 141 -18.85 -14.38 -8.84
CA ARG A 141 -19.56 -15.63 -8.63
C ARG A 141 -18.71 -16.66 -7.90
N ASN A 142 -17.49 -16.93 -8.43
CA ASN A 142 -16.55 -17.95 -7.92
C ASN A 142 -15.93 -17.69 -6.54
N ILE A 143 -15.83 -16.43 -6.13
CA ILE A 143 -15.23 -16.08 -4.84
C ILE A 143 -16.13 -16.53 -3.65
N LEU A 144 -17.45 -16.63 -3.89
CA LEU A 144 -18.48 -16.99 -2.91
C LEU A 144 -18.22 -18.34 -2.24
N ASN A 145 -17.43 -19.21 -2.89
CA ASN A 145 -16.97 -20.50 -2.34
C ASN A 145 -16.19 -20.24 -1.03
N VAL A 146 -15.24 -19.27 -1.07
CA VAL A 146 -14.38 -18.80 0.02
C VAL A 146 -15.25 -18.21 1.13
N CYS A 147 -16.21 -17.36 0.76
CA CYS A 147 -17.12 -16.73 1.72
C CYS A 147 -17.89 -17.79 2.49
N LYS A 148 -18.56 -18.72 1.77
CA LYS A 148 -19.36 -19.79 2.38
C LYS A 148 -18.55 -20.59 3.39
N GLU A 149 -17.38 -21.10 2.94
CA GLU A 149 -16.41 -21.88 3.69
C GLU A 149 -16.09 -21.24 5.06
N ALA A 150 -15.64 -19.97 5.06
CA ALA A 150 -15.25 -19.21 6.24
C ALA A 150 -16.38 -19.02 7.26
N VAL A 151 -17.59 -18.72 6.75
CA VAL A 151 -18.79 -18.55 7.57
C VAL A 151 -19.16 -19.88 8.25
N ASP A 152 -19.00 -21.01 7.53
CA ASP A 152 -19.26 -22.35 8.04
C ASP A 152 -18.31 -22.70 9.20
N LEU A 153 -17.03 -22.31 9.08
CA LEU A 153 -16.00 -22.54 10.12
C LEU A 153 -16.19 -21.68 11.37
N ARG A 154 -17.00 -20.62 11.27
CA ARG A 154 -17.32 -19.69 12.34
C ARG A 154 -18.49 -20.17 13.21
N ASP A 155 -19.33 -21.08 12.67
CA ASP A 155 -20.46 -21.68 13.39
C ASP A 155 -20.22 -23.19 13.62
N LEU A 156 -18.97 -23.66 13.38
CA LEU A 156 -18.56 -25.05 13.56
C LEU A 156 -18.58 -25.48 15.05
N ASN A 157 -18.17 -24.58 15.96
CA ASN A 157 -18.11 -24.82 17.40
C ASN A 157 -18.58 -23.57 18.14
N SER A 158 -19.84 -23.15 17.87
CA SER A 158 -20.46 -21.96 18.45
C SER A 158 -20.77 -22.10 19.94
N PRO A 159 -20.58 -21.07 20.78
CA PRO A 159 -20.13 -19.70 20.46
C PRO A 159 -18.61 -19.51 20.46
N HIS A 160 -17.84 -20.56 20.81
CA HIS A 160 -16.37 -20.50 20.89
C HIS A 160 -15.72 -20.08 19.58
N SER A 161 -16.12 -20.71 18.45
CA SER A 161 -15.59 -20.34 17.14
C SER A 161 -16.03 -18.92 16.72
N ARG A 162 -17.15 -18.41 17.29
CA ARG A 162 -17.62 -17.05 17.04
C ARG A 162 -16.72 -16.05 17.77
N ALA A 163 -16.40 -16.33 19.05
CA ALA A 163 -15.51 -15.53 19.90
C ALA A 163 -14.07 -15.54 19.38
N MET A 164 -13.62 -16.67 18.80
CA MET A 164 -12.26 -16.81 18.27
C MET A 164 -12.05 -15.97 17.01
N TYR A 165 -13.15 -15.65 16.30
CA TYR A 165 -13.17 -14.81 15.12
C TYR A 165 -13.15 -13.33 15.54
N VAL A 166 -14.00 -12.95 16.51
CA VAL A 166 -14.13 -11.58 16.95
C VAL A 166 -12.93 -11.15 17.76
N TYR A 167 -12.57 -11.98 18.74
CA TYR A 167 -11.44 -11.73 19.64
C TYR A 167 -10.34 -12.80 19.44
N PRO A 168 -9.55 -12.76 18.34
CA PRO A 168 -8.51 -13.79 18.14
C PRO A 168 -7.34 -13.65 19.12
N PRO A 169 -6.73 -14.77 19.59
CA PRO A 169 -5.63 -14.65 20.54
C PRO A 169 -4.44 -13.84 19.99
N ASN A 170 -4.04 -12.76 20.70
CA ASN A 170 -2.91 -11.93 20.28
C ASN A 170 -1.62 -12.54 20.85
N VAL A 171 -1.12 -13.56 20.14
CA VAL A 171 0.05 -14.35 20.51
C VAL A 171 1.21 -14.27 19.52
N GLU A 172 2.42 -14.55 20.06
CA GLU A 172 3.66 -14.65 19.33
C GLU A 172 3.64 -15.96 18.51
N SER A 173 4.58 -16.12 17.57
CA SER A 173 4.62 -17.32 16.75
C SER A 173 5.23 -18.54 17.48
N SER A 174 6.02 -18.29 18.55
CA SER A 174 6.66 -19.35 19.33
C SER A 174 6.44 -19.26 20.85
N PRO A 175 6.12 -20.42 21.50
CA PRO A 175 5.97 -20.43 22.96
C PRO A 175 7.27 -20.16 23.71
N GLU A 176 8.42 -20.41 23.04
CA GLU A 176 9.76 -20.23 23.59
C GLU A 176 10.09 -18.79 23.90
N LEU A 177 10.65 -18.58 25.08
CA LEU A 177 11.01 -17.27 25.60
C LEU A 177 12.48 -16.91 25.41
N PRO A 178 12.78 -15.67 24.93
CA PRO A 178 14.18 -15.23 24.85
C PRO A 178 14.77 -15.17 26.26
N LYS A 179 16.08 -15.50 26.39
CA LYS A 179 16.74 -15.58 27.70
C LYS A 179 16.67 -14.28 28.51
N HIS A 180 16.74 -13.11 27.85
CA HIS A 180 16.64 -11.83 28.56
C HIS A 180 15.24 -11.57 29.12
N ILE A 181 14.23 -12.30 28.62
CA ILE A 181 12.82 -12.23 29.06
C ILE A 181 12.67 -13.20 30.24
N TYR A 182 13.16 -14.46 30.09
CA TYR A 182 13.14 -15.50 31.11
C TYR A 182 13.95 -15.11 32.37
N ASN A 183 15.03 -14.34 32.20
CA ASN A 183 15.90 -13.86 33.30
C ASN A 183 15.15 -12.85 34.19
N LYS A 184 14.09 -12.23 33.66
CA LYS A 184 13.23 -11.27 34.37
C LYS A 184 12.17 -12.01 35.19
N LEU A 185 12.15 -13.37 35.10
CA LEU A 185 11.25 -14.26 35.86
C LEU A 185 11.95 -14.84 37.10
N ASP A 186 11.23 -14.90 38.24
CA ASP A 186 11.72 -15.47 39.49
C ASP A 186 11.31 -16.94 39.51
N LYS A 187 12.28 -17.84 39.20
CA LYS A 187 12.15 -19.30 39.10
C LYS A 187 11.17 -19.72 37.96
N GLY A 188 11.05 -18.85 36.95
CA GLY A 188 10.16 -19.05 35.81
C GLY A 188 8.70 -18.80 36.17
N GLN A 189 8.47 -17.86 37.12
CA GLN A 189 7.13 -17.54 37.60
C GLN A 189 6.73 -16.06 37.39
N ILE A 190 5.51 -15.87 36.86
CA ILE A 190 4.93 -14.56 36.59
C ILE A 190 3.96 -14.15 37.70
N ILE A 191 4.19 -12.93 38.23
CA ILE A 191 3.35 -12.28 39.23
C ILE A 191 2.30 -11.43 38.46
N VAL A 192 1.07 -11.94 38.43
CA VAL A 192 -0.11 -11.46 37.71
C VAL A 192 -1.17 -10.92 38.69
N VAL A 193 -1.90 -9.84 38.32
CA VAL A 193 -2.97 -9.27 39.14
C VAL A 193 -4.30 -9.57 38.43
N ILE A 194 -5.14 -10.46 39.01
CA ILE A 194 -6.45 -10.79 38.43
C ILE A 194 -7.57 -9.99 39.12
N TRP A 195 -8.36 -9.26 38.29
CA TRP A 195 -9.45 -8.40 38.72
C TRP A 195 -10.81 -9.02 38.45
N VAL A 196 -11.77 -8.72 39.34
CA VAL A 196 -13.15 -9.15 39.22
C VAL A 196 -14.09 -7.94 39.37
N ILE A 197 -15.10 -7.84 38.48
CA ILE A 197 -16.12 -6.81 38.57
C ILE A 197 -17.26 -7.52 39.29
N VAL A 198 -17.46 -7.19 40.57
CA VAL A 198 -18.44 -7.92 41.36
C VAL A 198 -19.80 -7.18 41.44
N SER A 199 -20.84 -7.93 41.06
CA SER A 199 -22.25 -7.58 41.05
C SER A 199 -22.79 -7.31 42.49
N PRO A 200 -23.79 -6.41 42.69
CA PRO A 200 -24.51 -5.60 41.70
C PRO A 200 -23.93 -4.20 41.49
N ASN A 201 -23.09 -3.74 42.45
CA ASN A 201 -22.49 -2.41 42.53
C ASN A 201 -21.29 -2.19 41.59
N ASN A 202 -20.82 -3.27 40.92
CA ASN A 202 -19.67 -3.28 40.01
C ASN A 202 -18.38 -2.83 40.73
N ASP A 203 -17.99 -3.61 41.76
CA ASP A 203 -16.82 -3.36 42.59
C ASP A 203 -15.62 -4.14 42.06
N LYS A 204 -14.43 -3.53 42.12
CA LYS A 204 -13.19 -4.13 41.61
C LYS A 204 -12.34 -4.76 42.71
N GLN A 205 -12.23 -6.10 42.73
CA GLN A 205 -11.40 -6.81 43.71
C GLN A 205 -10.19 -7.44 43.03
N LYS A 206 -8.97 -7.12 43.54
CA LYS A 206 -7.71 -7.61 42.95
C LYS A 206 -7.09 -8.77 43.73
N TYR A 207 -6.56 -9.74 42.98
CA TYR A 207 -5.90 -10.92 43.53
C TYR A 207 -4.54 -11.11 42.86
N THR A 208 -3.45 -10.93 43.62
CA THR A 208 -2.09 -11.10 43.09
C THR A 208 -1.75 -12.60 43.11
N LEU A 209 -1.35 -13.14 41.95
CA LEU A 209 -1.02 -14.55 41.74
C LEU A 209 0.43 -14.75 41.27
N LYS A 210 1.11 -15.78 41.81
CA LYS A 210 2.47 -16.18 41.40
C LYS A 210 2.28 -17.52 40.72
N ILE A 211 2.14 -17.46 39.40
CA ILE A 211 1.90 -18.63 38.54
C ILE A 211 3.09 -18.82 37.62
N ASN A 212 3.19 -20.00 36.98
CA ASN A 212 4.28 -20.25 36.04
C ASN A 212 3.99 -19.53 34.74
N HIS A 213 5.04 -19.06 34.04
CA HIS A 213 4.89 -18.35 32.77
C HIS A 213 4.16 -19.21 31.72
N ASP A 214 4.43 -20.53 31.71
CA ASP A 214 3.86 -21.48 30.77
C ASP A 214 2.43 -21.93 31.13
N CYS A 215 1.80 -21.28 32.14
CA CYS A 215 0.40 -21.57 32.55
C CYS A 215 -0.56 -21.20 31.43
N VAL A 216 -1.35 -22.18 30.98
CA VAL A 216 -2.42 -22.03 29.99
C VAL A 216 -3.53 -21.14 30.67
N PRO A 217 -4.34 -20.30 29.95
CA PRO A 217 -5.31 -19.43 30.67
C PRO A 217 -6.18 -20.11 31.74
N GLU A 218 -6.66 -21.37 31.48
CA GLU A 218 -7.48 -22.16 32.42
C GLU A 218 -6.80 -22.32 33.79
N GLN A 219 -5.48 -22.60 33.77
CA GLN A 219 -4.65 -22.77 34.96
C GLN A 219 -4.55 -21.47 35.77
N VAL A 220 -4.58 -20.31 35.09
CA VAL A 220 -4.52 -18.97 35.70
C VAL A 220 -5.83 -18.67 36.46
N ILE A 221 -6.96 -19.15 35.90
CA ILE A 221 -8.29 -19.04 36.49
C ILE A 221 -8.29 -19.88 37.79
N ALA A 222 -7.76 -21.12 37.70
CA ALA A 222 -7.64 -22.09 38.80
C ALA A 222 -6.98 -21.50 40.02
N GLU A 223 -5.76 -20.94 39.87
CA GLU A 223 -5.02 -20.33 40.97
C GLU A 223 -5.79 -19.16 41.61
N ALA A 224 -6.57 -18.41 40.82
CA ALA A 224 -7.37 -17.30 41.33
C ALA A 224 -8.54 -17.84 42.17
N ILE A 225 -9.11 -19.00 41.79
CA ILE A 225 -10.16 -19.67 42.58
C ILE A 225 -9.55 -20.04 43.94
N ARG A 226 -8.44 -20.83 43.91
CA ARG A 226 -7.69 -21.28 45.07
C ARG A 226 -7.25 -20.12 45.97
N LYS A 227 -6.79 -18.99 45.41
CA LYS A 227 -6.38 -17.83 46.22
C LYS A 227 -7.56 -17.05 46.81
N LYS A 228 -8.82 -17.40 46.41
CA LYS A 228 -10.04 -16.77 46.92
C LYS A 228 -10.76 -17.66 47.93
N THR A 229 -10.95 -18.96 47.60
CA THR A 229 -11.65 -19.94 48.44
C THR A 229 -10.71 -20.72 49.39
N ARG A 230 -9.64 -21.35 48.84
CA ARG A 230 -8.65 -22.14 49.59
C ARG A 230 -7.51 -21.31 50.23
N GLN A 238 -6.85 -29.86 49.24
CA GLN A 238 -7.27 -28.65 49.96
C GLN A 238 -8.66 -28.79 50.58
N LEU A 239 -8.89 -28.02 51.68
CA LEU A 239 -10.14 -27.99 52.45
C LEU A 239 -11.30 -27.44 51.60
N LYS A 240 -12.08 -28.36 51.00
CA LYS A 240 -13.24 -28.09 50.13
C LYS A 240 -12.87 -27.19 48.92
N LEU A 241 -12.03 -27.73 47.99
CA LEU A 241 -11.59 -27.05 46.76
C LEU A 241 -11.16 -28.05 45.66
N CYS A 242 -12.14 -28.53 44.87
CA CYS A 242 -11.93 -29.47 43.76
C CYS A 242 -12.81 -29.10 42.54
N VAL A 243 -13.15 -27.80 42.41
CA VAL A 243 -13.99 -27.26 41.35
C VAL A 243 -13.20 -27.15 40.02
N LEU A 244 -13.48 -28.12 39.12
CA LEU A 244 -12.94 -28.22 37.76
C LEU A 244 -14.04 -27.72 36.80
N GLU A 245 -15.18 -27.29 37.38
CA GLU A 245 -16.35 -26.75 36.69
C GLU A 245 -16.08 -25.36 36.08
N TYR A 246 -15.09 -24.61 36.65
CA TYR A 246 -14.66 -23.27 36.20
C TYR A 246 -14.08 -23.28 34.78
N GLN A 247 -13.64 -24.47 34.30
CA GLN A 247 -13.11 -24.68 32.95
C GLN A 247 -14.29 -24.69 31.96
N GLY A 248 -14.65 -23.48 31.51
CA GLY A 248 -15.77 -23.24 30.61
C GLY A 248 -16.81 -22.32 31.20
N LYS A 249 -16.51 -21.74 32.38
CA LYS A 249 -17.39 -20.80 33.09
C LYS A 249 -16.74 -19.41 33.27
N TYR A 250 -15.45 -19.31 32.94
CA TYR A 250 -14.67 -18.08 33.04
C TYR A 250 -13.70 -17.91 31.87
N ILE A 251 -13.42 -16.64 31.50
CA ILE A 251 -12.47 -16.23 30.46
C ILE A 251 -11.70 -15.03 30.94
N LEU A 252 -10.47 -14.88 30.42
CA LEU A 252 -9.60 -13.75 30.77
C LEU A 252 -9.59 -12.68 29.70
N LYS A 253 -9.53 -11.42 30.14
CA LYS A 253 -9.48 -10.22 29.32
C LYS A 253 -8.36 -9.33 29.88
N VAL A 254 -7.81 -8.43 29.05
CA VAL A 254 -6.80 -7.45 29.47
C VAL A 254 -7.57 -6.18 29.91
N CYS A 255 -7.23 -5.63 31.08
CA CYS A 255 -7.84 -4.40 31.61
C CYS A 255 -7.52 -3.21 30.70
N GLY A 256 -8.55 -2.50 30.24
CA GLY A 256 -8.39 -1.31 29.41
C GLY A 256 -8.55 -1.45 27.91
N CYS A 257 -8.72 -2.69 27.39
CA CYS A 257 -8.91 -2.96 25.95
C CYS A 257 -9.64 -4.30 25.67
N ASP A 258 -10.02 -4.55 24.39
CA ASP A 258 -10.76 -5.73 23.94
C ASP A 258 -9.87 -6.90 23.48
N GLU A 259 -8.89 -7.25 24.32
CA GLU A 259 -7.99 -8.38 24.06
C GLU A 259 -8.38 -9.46 25.04
N TYR A 260 -8.68 -10.66 24.52
CA TYR A 260 -9.11 -11.81 25.31
C TYR A 260 -8.13 -12.98 25.19
N PHE A 261 -8.10 -13.87 26.21
CA PHE A 261 -7.24 -15.06 26.27
C PHE A 261 -8.17 -16.25 26.16
N LEU A 262 -8.65 -16.51 24.94
CA LEU A 262 -9.64 -17.54 24.64
C LEU A 262 -9.07 -18.87 24.18
N GLU A 263 -7.75 -18.94 23.99
CA GLU A 263 -7.09 -20.13 23.47
C GLU A 263 -6.02 -20.68 24.42
N LYS A 264 -5.81 -22.01 24.40
CA LYS A 264 -4.85 -22.74 25.21
C LYS A 264 -3.42 -22.47 24.72
N TYR A 265 -2.86 -21.29 25.07
CA TYR A 265 -1.50 -20.90 24.76
C TYR A 265 -0.83 -20.60 26.10
N PRO A 266 0.48 -20.90 26.28
CA PRO A 266 1.13 -20.49 27.54
C PRO A 266 0.93 -18.99 27.68
N LEU A 267 0.57 -18.52 28.88
CA LEU A 267 0.33 -17.11 29.12
C LEU A 267 1.45 -16.22 28.56
N SER A 268 2.72 -16.67 28.66
CA SER A 268 3.90 -15.95 28.17
C SER A 268 3.90 -15.75 26.63
N GLN A 269 3.20 -16.63 25.87
CA GLN A 269 3.06 -16.52 24.41
C GLN A 269 2.13 -15.36 24.04
N TYR A 270 1.23 -14.93 24.96
CA TYR A 270 0.35 -13.78 24.71
C TYR A 270 1.17 -12.52 24.78
N LYS A 271 1.15 -11.74 23.68
CA LYS A 271 1.89 -10.51 23.49
C LYS A 271 1.80 -9.52 24.63
N TYR A 272 0.59 -9.36 25.24
CA TYR A 272 0.38 -8.43 26.35
C TYR A 272 1.26 -8.85 27.53
N ILE A 273 1.24 -10.17 27.89
CA ILE A 273 2.01 -10.82 28.96
C ILE A 273 3.53 -10.79 28.64
N ARG A 274 3.93 -11.24 27.43
CA ARG A 274 5.32 -11.24 26.93
C ARG A 274 5.93 -9.83 27.06
N SER A 275 5.13 -8.77 26.74
CA SER A 275 5.50 -7.35 26.85
C SER A 275 5.61 -6.93 28.30
N CYS A 276 4.66 -7.39 29.14
CA CYS A 276 4.66 -7.11 30.57
C CYS A 276 5.95 -7.61 31.25
N ILE A 277 6.37 -8.85 30.93
CA ILE A 277 7.59 -9.46 31.47
C ILE A 277 8.80 -8.59 31.09
N MET A 278 8.98 -8.34 29.78
CA MET A 278 10.08 -7.56 29.24
C MET A 278 10.18 -6.18 29.91
N LEU A 279 9.07 -5.45 30.00
CA LEU A 279 9.07 -4.10 30.60
C LEU A 279 9.07 -4.11 32.13
N GLY A 280 8.81 -5.28 32.72
CA GLY A 280 8.76 -5.46 34.17
C GLY A 280 7.53 -4.81 34.77
N ARG A 281 6.45 -4.74 33.97
CA ARG A 281 5.15 -4.20 34.35
C ARG A 281 4.30 -5.37 34.84
N MET A 282 3.41 -5.10 35.78
CA MET A 282 2.54 -6.18 36.26
C MET A 282 1.35 -6.37 35.34
N PRO A 283 1.13 -7.62 34.86
CA PRO A 283 -0.04 -7.88 34.01
C PRO A 283 -1.35 -7.80 34.79
N ASN A 284 -2.18 -6.77 34.46
CA ASN A 284 -3.50 -6.52 35.03
C ASN A 284 -4.54 -7.19 34.12
N LEU A 285 -5.10 -8.32 34.57
CA LEU A 285 -6.08 -9.07 33.81
C LEU A 285 -7.46 -8.92 34.42
N MET A 286 -8.49 -9.38 33.71
CA MET A 286 -9.85 -9.32 34.17
C MET A 286 -10.59 -10.62 33.94
N LEU A 287 -11.04 -11.21 35.05
CA LEU A 287 -11.80 -12.44 35.03
C LEU A 287 -13.26 -12.06 34.93
N MET A 288 -13.93 -12.66 33.94
CA MET A 288 -15.34 -12.48 33.65
C MET A 288 -15.92 -13.82 33.19
N ALA A 289 -17.25 -13.93 33.15
CA ALA A 289 -17.90 -15.17 32.76
C ALA A 289 -18.01 -15.34 31.28
N LYS A 290 -17.87 -16.60 30.82
CA LYS A 290 -17.96 -17.05 29.43
C LYS A 290 -19.27 -16.62 28.82
N GLU A 291 -20.39 -16.72 29.59
CA GLU A 291 -21.75 -16.38 29.14
C GLU A 291 -21.90 -14.90 28.80
N SER A 292 -21.41 -13.99 29.69
CA SER A 292 -21.49 -12.54 29.49
C SER A 292 -20.73 -12.05 28.23
N LEU A 293 -19.81 -12.88 27.70
CA LEU A 293 -19.11 -12.60 26.45
C LEU A 293 -19.84 -13.27 25.28
N TYR A 294 -20.25 -14.53 25.43
CA TYR A 294 -20.93 -15.29 24.39
C TYR A 294 -22.30 -14.70 23.99
N SER A 295 -22.95 -14.00 24.94
CA SER A 295 -24.23 -13.32 24.76
C SER A 295 -24.11 -11.99 23.98
N GLN A 296 -22.90 -11.40 23.96
CA GLN A 296 -22.58 -10.17 23.20
C GLN A 296 -22.46 -10.50 21.69
N LEU A 297 -22.11 -11.76 21.37
CA LEU A 297 -21.85 -12.23 20.01
C LEU A 297 -23.09 -12.53 19.16
N PRO A 298 -23.38 -11.73 18.12
CA PRO A 298 -24.52 -12.04 17.25
C PRO A 298 -24.19 -13.21 16.32
N MET A 299 -25.23 -13.88 15.80
CA MET A 299 -25.06 -14.98 14.86
C MET A 299 -24.85 -14.34 13.49
N ASP A 300 -23.62 -14.44 12.95
CA ASP A 300 -23.26 -13.87 11.65
C ASP A 300 -23.79 -14.77 10.52
N CYS A 301 -24.66 -14.21 9.65
CA CYS A 301 -25.25 -15.01 8.58
C CYS A 301 -24.96 -14.48 7.18
N PHE A 302 -24.34 -15.34 6.37
CA PHE A 302 -24.00 -15.06 4.99
C PHE A 302 -25.18 -15.46 4.10
N THR A 303 -25.57 -14.53 3.22
CA THR A 303 -26.66 -14.71 2.26
C THR A 303 -26.03 -14.77 0.87
N MET A 304 -26.51 -15.67 0.02
CA MET A 304 -26.02 -15.76 -1.34
C MET A 304 -26.61 -14.60 -2.12
N PRO A 305 -25.76 -13.76 -2.75
CA PRO A 305 -26.29 -12.61 -3.50
C PRO A 305 -27.06 -13.04 -4.76
N SER A 306 -28.02 -12.19 -5.21
CA SER A 306 -28.87 -12.42 -6.38
C SER A 306 -28.11 -12.76 -7.67
N TYR A 307 -26.89 -12.20 -7.85
CA TYR A 307 -26.09 -12.50 -9.04
C TYR A 307 -25.56 -13.96 -9.07
N SER A 308 -25.66 -14.70 -7.96
CA SER A 308 -25.23 -16.09 -7.92
C SER A 308 -26.34 -17.01 -8.45
N ARG A 309 -27.59 -16.49 -8.54
CA ARG A 309 -28.74 -17.20 -9.09
C ARG A 309 -28.69 -17.14 -10.64
N ARG A 310 -27.96 -16.15 -11.20
CA ARG A 310 -27.80 -15.92 -12.64
C ARG A 310 -26.45 -16.46 -13.16
N ILE A 311 -26.36 -16.57 -14.48
CA ILE A 311 -25.15 -16.99 -15.20
C ILE A 311 -24.53 -15.74 -15.85
N SER A 312 -23.24 -15.82 -16.25
CA SER A 312 -22.52 -14.72 -16.89
C SER A 312 -23.10 -14.47 -18.29
N THR A 313 -23.39 -13.18 -18.60
CA THR A 313 -24.00 -12.74 -19.85
C THR A 313 -23.03 -12.74 -21.02
N SER A 323 -14.08 -25.10 -32.41
CA SER A 323 -12.78 -25.71 -32.71
C SER A 323 -11.68 -25.17 -31.77
N THR A 324 -10.87 -26.07 -31.18
CA THR A 324 -9.82 -25.72 -30.24
C THR A 324 -8.51 -26.44 -30.55
N LYS A 325 -7.40 -25.68 -30.61
CA LYS A 325 -6.05 -26.18 -30.84
C LYS A 325 -5.19 -26.01 -29.57
N SER A 326 -4.11 -26.79 -29.45
CA SER A 326 -3.15 -26.67 -28.35
C SER A 326 -2.15 -25.57 -28.76
N LEU A 327 -1.48 -24.94 -27.78
CA LEU A 327 -0.47 -23.92 -28.06
C LEU A 327 0.77 -24.57 -28.71
N TRP A 328 1.08 -25.80 -28.27
CA TRP A 328 2.23 -26.60 -28.68
C TRP A 328 2.14 -27.17 -30.12
N VAL A 329 0.95 -27.12 -30.76
CA VAL A 329 0.79 -27.59 -32.13
C VAL A 329 0.77 -26.39 -33.12
N ILE A 330 1.16 -25.18 -32.64
CA ILE A 330 1.17 -23.97 -33.47
C ILE A 330 2.59 -23.72 -33.99
N ASN A 331 2.85 -24.15 -35.23
CA ASN A 331 4.19 -24.04 -35.83
C ASN A 331 4.45 -22.71 -36.53
N SER A 332 4.57 -21.63 -35.74
CA SER A 332 4.88 -20.28 -36.22
C SER A 332 5.60 -19.46 -35.16
N ALA A 333 6.08 -18.26 -35.54
CA ALA A 333 6.76 -17.34 -34.64
C ALA A 333 5.76 -16.34 -34.07
N LEU A 334 6.17 -15.57 -33.05
CA LEU A 334 5.26 -14.56 -32.52
C LEU A 334 5.36 -13.26 -33.35
N ARG A 335 4.20 -12.63 -33.59
CA ARG A 335 4.06 -11.36 -34.31
C ARG A 335 2.81 -10.60 -33.89
N ILE A 336 2.93 -9.26 -33.69
CA ILE A 336 1.79 -8.43 -33.26
C ILE A 336 1.65 -7.27 -34.25
N LYS A 337 0.41 -6.97 -34.66
CA LYS A 337 0.11 -5.92 -35.60
C LYS A 337 -0.27 -4.64 -34.82
N ILE A 338 0.58 -3.61 -34.87
CA ILE A 338 0.27 -2.33 -34.25
C ILE A 338 -0.45 -1.56 -35.33
N LEU A 339 -1.77 -1.33 -35.16
CA LEU A 339 -2.56 -0.59 -36.14
C LEU A 339 -2.32 0.92 -36.00
N CYS A 340 -2.99 1.59 -35.05
CA CYS A 340 -2.83 3.03 -34.80
C CYS A 340 -3.14 3.40 -33.33
N ALA A 341 -2.94 4.69 -32.95
CA ALA A 341 -3.26 5.26 -31.64
C ALA A 341 -4.15 6.49 -31.88
N THR A 342 -5.26 6.66 -31.13
CA THR A 342 -6.19 7.79 -31.33
C THR A 342 -5.48 9.14 -31.34
N TYR A 343 -4.59 9.38 -30.37
CA TYR A 343 -3.80 10.62 -30.27
C TYR A 343 -2.67 10.48 -29.23
N VAL A 344 -1.85 11.53 -29.07
CA VAL A 344 -0.80 11.68 -28.07
C VAL A 344 -0.74 13.16 -27.72
N ASN A 345 -0.31 13.50 -26.47
CA ASN A 345 -0.17 14.88 -26.04
C ASN A 345 1.31 15.31 -26.06
N VAL A 346 1.75 15.86 -27.20
CA VAL A 346 3.12 16.31 -27.47
C VAL A 346 3.12 17.66 -28.17
N ASN A 347 4.17 18.46 -27.94
CA ASN A 347 4.36 19.74 -28.61
C ASN A 347 5.11 19.38 -29.90
N ILE A 348 4.46 19.55 -31.07
CA ILE A 348 5.02 19.19 -32.37
C ILE A 348 6.41 19.81 -32.67
N ARG A 349 6.71 21.01 -32.08
CA ARG A 349 8.01 21.67 -32.26
C ARG A 349 9.10 21.11 -31.35
N ASP A 350 8.72 20.61 -30.18
CA ASP A 350 9.67 20.06 -29.22
C ASP A 350 10.06 18.62 -29.50
N ILE A 351 9.19 17.84 -30.15
CA ILE A 351 9.47 16.43 -30.44
C ILE A 351 9.49 16.20 -31.95
N ASP A 352 10.37 15.29 -32.42
CA ASP A 352 10.48 14.94 -33.83
C ASP A 352 9.49 13.86 -34.25
N LYS A 353 9.64 12.63 -33.74
CA LYS A 353 8.81 11.49 -34.11
C LYS A 353 8.28 10.70 -32.90
N ILE A 354 7.28 9.82 -33.16
CA ILE A 354 6.69 8.92 -32.16
C ILE A 354 6.75 7.50 -32.66
N TYR A 355 6.88 6.52 -31.75
CA TYR A 355 6.91 5.12 -32.11
C TYR A 355 6.34 4.25 -30.99
N VAL A 356 6.01 3.03 -31.31
CA VAL A 356 5.50 2.13 -30.30
C VAL A 356 6.61 1.13 -29.95
N ARG A 357 7.10 1.22 -28.69
CA ARG A 357 8.09 0.29 -28.16
C ARG A 357 7.29 -0.82 -27.53
N THR A 358 7.66 -2.06 -27.82
CA THR A 358 6.95 -3.26 -27.32
C THR A 358 7.99 -4.27 -26.79
N GLY A 359 7.53 -5.21 -25.96
CA GLY A 359 8.38 -6.27 -25.42
C GLY A 359 7.58 -7.43 -24.90
N ILE A 360 8.18 -8.64 -24.92
CA ILE A 360 7.54 -9.85 -24.39
C ILE A 360 8.25 -10.19 -23.07
N TYR A 361 7.50 -10.14 -21.94
CA TYR A 361 8.03 -10.31 -20.59
C TYR A 361 7.45 -11.44 -19.78
N HIS A 362 8.33 -12.04 -18.97
CA HIS A 362 7.99 -13.03 -17.96
C HIS A 362 8.48 -12.36 -16.68
N GLY A 363 7.55 -11.72 -15.98
CA GLY A 363 7.86 -10.92 -14.80
C GLY A 363 8.42 -9.60 -15.30
N GLY A 364 9.63 -9.27 -14.89
CA GLY A 364 10.29 -8.04 -15.31
C GLY A 364 11.44 -8.27 -16.27
N GLU A 365 11.60 -9.52 -16.75
CA GLU A 365 12.67 -9.89 -17.66
C GLU A 365 12.12 -10.20 -19.05
N PRO A 366 12.69 -9.58 -20.12
CA PRO A 366 12.22 -9.89 -21.49
C PRO A 366 12.57 -11.33 -21.92
N LEU A 367 11.65 -11.99 -22.62
CA LEU A 367 11.73 -13.37 -23.12
C LEU A 367 12.45 -13.44 -24.48
N CYS A 368 12.60 -12.27 -25.11
CA CYS A 368 13.26 -11.99 -26.39
C CYS A 368 13.50 -10.47 -26.43
N ASP A 369 14.30 -9.97 -27.38
CA ASP A 369 14.58 -8.54 -27.48
C ASP A 369 13.33 -7.71 -27.77
N ASN A 370 13.32 -6.45 -27.30
CA ASN A 370 12.22 -5.52 -27.47
C ASN A 370 12.14 -5.07 -28.91
N VAL A 371 10.92 -5.04 -29.47
CA VAL A 371 10.70 -4.70 -30.86
C VAL A 371 9.99 -3.36 -31.00
N ASN A 372 10.55 -2.45 -31.78
CA ASN A 372 9.95 -1.14 -32.04
C ASN A 372 9.31 -1.06 -33.43
N THR A 373 8.28 -0.21 -33.53
CA THR A 373 7.64 0.10 -34.79
C THR A 373 8.50 1.18 -35.45
N GLN A 374 8.19 1.51 -36.72
CA GLN A 374 8.84 2.59 -37.44
C GLN A 374 8.43 3.92 -36.80
N ARG A 375 9.26 4.95 -36.96
CA ARG A 375 8.95 6.28 -36.42
C ARG A 375 7.96 6.98 -37.36
N VAL A 376 6.95 7.67 -36.79
CA VAL A 376 5.92 8.39 -37.56
C VAL A 376 5.70 9.82 -37.01
N PRO A 377 5.03 10.76 -37.74
CA PRO A 377 4.80 12.10 -37.16
C PRO A 377 3.80 12.07 -35.99
N CYS A 378 3.96 13.02 -35.06
CA CYS A 378 3.13 13.18 -33.85
C CYS A 378 1.66 13.16 -34.23
N SER A 379 1.33 14.02 -35.22
CA SER A 379 0.02 14.25 -35.83
C SER A 379 -0.54 13.02 -36.53
N ASN A 380 0.31 12.05 -36.90
CA ASN A 380 -0.09 10.83 -37.59
C ASN A 380 0.24 9.52 -36.84
N PRO A 381 -0.42 9.18 -35.71
CA PRO A 381 -0.10 7.92 -35.03
C PRO A 381 -0.80 6.75 -35.70
N ARG A 382 -0.25 6.28 -36.83
CA ARG A 382 -0.69 5.16 -37.67
C ARG A 382 0.58 4.39 -38.06
N TRP A 383 0.59 3.07 -37.87
CA TRP A 383 1.76 2.24 -38.21
C TRP A 383 1.45 1.14 -39.20
N ASN A 384 0.33 0.40 -38.97
CA ASN A 384 -0.18 -0.77 -39.74
C ASN A 384 0.95 -1.78 -39.98
N GLU A 385 1.70 -2.07 -38.91
CA GLU A 385 2.92 -2.85 -38.87
C GLU A 385 2.87 -4.13 -38.04
N TRP A 386 3.29 -5.24 -38.66
CA TRP A 386 3.43 -6.52 -37.99
C TRP A 386 4.85 -6.50 -37.41
N LEU A 387 4.96 -6.61 -36.08
CA LEU A 387 6.24 -6.66 -35.38
C LEU A 387 6.53 -8.12 -35.14
N ASN A 388 7.73 -8.56 -35.47
CA ASN A 388 8.15 -9.95 -35.35
C ASN A 388 8.98 -10.14 -34.10
N TYR A 389 8.62 -11.16 -33.31
CA TYR A 389 9.31 -11.48 -32.06
C TYR A 389 10.16 -12.72 -32.24
N ASP A 390 11.38 -12.66 -31.74
CA ASP A 390 12.35 -13.75 -31.77
C ASP A 390 11.94 -14.84 -30.73
N ILE A 391 10.68 -15.32 -30.86
CA ILE A 391 10.11 -16.37 -30.01
C ILE A 391 9.12 -17.25 -30.80
N TYR A 392 9.28 -18.56 -30.62
CA TYR A 392 8.46 -19.63 -31.17
C TYR A 392 7.22 -19.72 -30.26
N ILE A 393 5.99 -19.64 -30.86
CA ILE A 393 4.70 -19.64 -30.14
C ILE A 393 4.57 -20.81 -29.10
N PRO A 394 4.94 -22.10 -29.37
CA PRO A 394 4.86 -23.11 -28.31
C PRO A 394 5.80 -22.86 -27.10
N ASP A 395 6.80 -22.01 -27.29
CA ASP A 395 7.80 -21.67 -26.26
C ASP A 395 7.33 -20.53 -25.29
N LEU A 396 6.20 -19.87 -25.64
CA LEU A 396 5.58 -18.82 -24.83
C LEU A 396 5.08 -19.41 -23.51
N PRO A 397 5.62 -18.90 -22.36
CA PRO A 397 5.17 -19.41 -21.06
C PRO A 397 3.78 -18.88 -20.68
N ARG A 398 3.10 -19.60 -19.76
CA ARG A 398 1.78 -19.32 -19.22
C ARG A 398 1.64 -17.85 -18.69
N ALA A 399 2.70 -17.31 -18.04
CA ALA A 399 2.69 -15.97 -17.46
C ALA A 399 3.26 -14.85 -18.38
N ALA A 400 3.38 -15.11 -19.70
CA ALA A 400 3.92 -14.19 -20.71
C ALA A 400 2.99 -12.99 -20.96
N ARG A 401 3.60 -11.79 -21.02
CA ARG A 401 2.85 -10.55 -21.22
C ARG A 401 3.44 -9.66 -22.33
N LEU A 402 2.58 -8.87 -22.97
CA LEU A 402 2.98 -7.89 -23.97
C LEU A 402 3.01 -6.53 -23.26
N CYS A 403 4.22 -5.96 -23.12
CA CYS A 403 4.45 -4.66 -22.50
C CYS A 403 4.77 -3.70 -23.59
N LEU A 404 3.97 -2.66 -23.71
CA LEU A 404 4.21 -1.66 -24.74
C LEU A 404 4.11 -0.24 -24.23
N SER A 405 4.55 0.72 -25.06
CA SER A 405 4.48 2.15 -24.76
C SER A 405 4.64 2.97 -26.00
N ILE A 406 3.98 4.13 -26.07
CA ILE A 406 4.18 5.10 -27.14
C ILE A 406 5.30 6.00 -26.63
N CYS A 407 6.37 6.09 -27.38
CA CYS A 407 7.51 6.94 -27.04
C CYS A 407 7.69 8.03 -28.04
N SER A 408 8.22 9.15 -27.58
CA SER A 408 8.62 10.29 -28.37
C SER A 408 10.15 10.23 -28.51
N VAL A 409 10.68 10.83 -29.59
CA VAL A 409 12.11 10.90 -29.86
C VAL A 409 12.46 12.28 -30.46
N LYS A 410 13.56 12.88 -29.98
CA LYS A 410 14.10 14.16 -30.44
C LYS A 410 15.64 14.11 -30.50
N GLY A 411 16.18 14.23 -31.70
CA GLY A 411 17.62 14.20 -31.94
C GLY A 411 18.12 15.54 -32.45
N ARG A 412 18.42 16.45 -31.49
CA ARG A 412 18.86 17.82 -31.74
C ARG A 412 20.29 18.12 -31.28
N LYS A 413 20.90 17.25 -30.44
CA LYS A 413 22.25 17.50 -29.94
C LYS A 413 23.20 16.38 -30.33
N GLY A 414 24.07 16.68 -31.29
CA GLY A 414 25.04 15.73 -31.84
C GLY A 414 24.32 14.54 -32.44
N ALA A 415 24.86 13.32 -32.24
CA ALA A 415 24.19 12.12 -32.73
C ALA A 415 23.25 11.57 -31.64
N LYS A 416 23.22 12.25 -30.47
CA LYS A 416 22.45 11.92 -29.28
C LYS A 416 20.97 12.26 -29.41
N GLU A 417 20.14 11.27 -29.13
CA GLU A 417 18.69 11.41 -29.17
C GLU A 417 18.00 11.02 -27.84
N GLU A 418 17.09 11.91 -27.36
CA GLU A 418 16.32 11.71 -26.13
C GLU A 418 15.00 10.99 -26.40
N HIS A 419 14.79 9.85 -25.67
CA HIS A 419 13.62 8.97 -25.74
C HIS A 419 12.83 9.06 -24.44
N CYS A 420 11.56 9.45 -24.53
N CYS A 420 11.55 9.51 -24.52
CA CYS A 420 10.69 9.54 -23.37
CA CYS A 420 10.63 9.72 -23.39
C CYS A 420 9.34 8.88 -23.60
C CYS A 420 9.30 8.93 -23.60
N PRO A 421 8.79 8.14 -22.60
CA PRO A 421 7.48 7.47 -22.81
C PRO A 421 6.34 8.47 -22.61
N LEU A 422 5.26 8.32 -23.37
CA LEU A 422 4.12 9.25 -23.26
C LEU A 422 2.94 8.60 -22.57
N ALA A 423 2.81 7.30 -22.79
CA ALA A 423 1.72 6.46 -22.29
C ALA A 423 2.15 4.97 -22.42
N TRP A 424 1.73 4.13 -21.47
CA TRP A 424 2.11 2.71 -21.44
C TRP A 424 0.86 1.83 -21.26
N GLY A 425 1.00 0.54 -21.49
CA GLY A 425 -0.06 -0.46 -21.35
C GLY A 425 0.48 -1.86 -21.38
N ASN A 426 -0.06 -2.75 -20.56
CA ASN A 426 0.39 -4.15 -20.52
C ASN A 426 -0.81 -5.07 -20.68
N ILE A 427 -0.63 -6.22 -21.33
CA ILE A 427 -1.69 -7.21 -21.58
C ILE A 427 -1.18 -8.63 -21.50
N ASN A 428 -1.96 -9.50 -20.85
CA ASN A 428 -1.68 -10.92 -20.71
C ASN A 428 -1.93 -11.60 -22.07
N LEU A 429 -0.92 -12.34 -22.61
CA LEU A 429 -1.02 -13.01 -23.92
C LEU A 429 -2.01 -14.19 -23.88
N PHE A 430 -2.14 -14.88 -22.74
CA PHE A 430 -3.15 -15.90 -22.47
C PHE A 430 -4.09 -15.29 -21.43
N ASP A 431 -5.39 -15.63 -21.46
CA ASP A 431 -6.35 -15.08 -20.49
C ASP A 431 -6.60 -16.00 -19.29
N TYR A 432 -7.50 -15.62 -18.35
CA TYR A 432 -7.81 -16.42 -17.13
C TYR A 432 -8.31 -17.86 -17.45
N THR A 433 -8.78 -18.11 -18.70
CA THR A 433 -9.29 -19.41 -19.17
C THR A 433 -8.22 -20.18 -19.96
N ASP A 434 -7.00 -19.58 -20.10
CA ASP A 434 -5.79 -20.11 -20.77
C ASP A 434 -5.84 -19.95 -22.29
N THR A 435 -6.74 -19.08 -22.79
CA THR A 435 -6.89 -18.77 -24.21
C THR A 435 -5.88 -17.71 -24.70
N LEU A 436 -5.13 -18.01 -25.76
CA LEU A 436 -4.20 -17.05 -26.35
C LEU A 436 -5.00 -15.95 -27.04
N VAL A 437 -4.53 -14.70 -26.95
CA VAL A 437 -5.17 -13.53 -27.56
C VAL A 437 -5.19 -13.63 -29.08
N SER A 438 -6.34 -13.27 -29.68
CA SER A 438 -6.58 -13.26 -31.12
C SER A 438 -7.46 -12.08 -31.53
N GLY A 439 -7.39 -11.71 -32.79
CA GLY A 439 -8.19 -10.64 -33.35
C GLY A 439 -7.72 -9.24 -32.98
N LYS A 440 -8.51 -8.24 -33.38
CA LYS A 440 -8.28 -6.82 -33.16
C LYS A 440 -8.57 -6.48 -31.69
N MET A 441 -7.68 -5.70 -31.06
CA MET A 441 -7.81 -5.32 -29.66
C MET A 441 -7.54 -3.85 -29.42
N ALA A 442 -8.46 -3.18 -28.69
CA ALA A 442 -8.36 -1.76 -28.38
C ALA A 442 -7.92 -1.56 -26.93
N LEU A 443 -6.77 -0.91 -26.72
CA LEU A 443 -6.19 -0.66 -25.40
C LEU A 443 -6.04 0.82 -25.06
N ASN A 444 -6.70 1.28 -23.97
CA ASN A 444 -6.50 2.66 -23.51
C ASN A 444 -5.29 2.64 -22.62
N LEU A 445 -4.35 3.53 -22.88
CA LEU A 445 -3.08 3.59 -22.18
C LEU A 445 -3.12 4.46 -20.93
N TRP A 446 -2.17 4.22 -20.02
CA TRP A 446 -2.07 4.94 -18.76
C TRP A 446 -1.01 6.04 -18.77
N PRO A 447 -1.11 7.05 -17.85
CA PRO A 447 -0.03 8.04 -17.73
C PRO A 447 1.23 7.41 -17.12
N VAL A 448 2.38 7.93 -17.52
CA VAL A 448 3.67 7.44 -17.05
C VAL A 448 3.84 7.81 -15.56
N PRO A 449 4.12 6.80 -14.68
CA PRO A 449 4.30 7.11 -13.25
C PRO A 449 5.45 8.08 -12.99
N HIS A 450 5.23 9.06 -12.09
CA HIS A 450 6.19 10.08 -11.67
C HIS A 450 7.50 9.43 -11.26
N GLY A 451 8.59 9.85 -11.89
CA GLY A 451 9.90 9.29 -11.61
C GLY A 451 10.35 8.16 -12.51
N LEU A 452 9.42 7.45 -13.20
CA LEU A 452 9.77 6.36 -14.11
C LEU A 452 10.39 6.96 -15.39
N GLU A 453 11.61 6.50 -15.74
CA GLU A 453 12.35 7.01 -16.89
C GLU A 453 12.53 5.95 -17.98
N ASP A 454 12.39 4.65 -17.61
CA ASP A 454 12.48 3.49 -18.48
C ASP A 454 11.35 3.59 -19.50
N LEU A 455 11.60 3.13 -20.72
CA LEU A 455 10.61 3.27 -21.77
C LEU A 455 9.46 2.28 -21.64
N LEU A 456 9.68 1.14 -20.98
CA LEU A 456 8.60 0.19 -20.71
C LEU A 456 8.26 0.15 -19.19
N ASN A 457 7.07 -0.36 -18.84
CA ASN A 457 6.64 -0.45 -17.46
C ASN A 457 6.12 -1.87 -17.19
N PRO A 458 6.99 -2.90 -17.21
CA PRO A 458 6.50 -4.26 -16.99
C PRO A 458 5.98 -4.56 -15.59
N ILE A 459 6.32 -3.71 -14.59
CA ILE A 459 5.84 -3.85 -13.20
C ILE A 459 4.38 -3.39 -13.14
N GLY A 460 3.99 -2.48 -14.04
CA GLY A 460 2.63 -1.93 -14.12
C GLY A 460 1.52 -2.94 -14.35
N VAL A 461 0.27 -2.55 -14.04
CA VAL A 461 -0.93 -3.42 -14.14
C VAL A 461 -1.26 -3.82 -15.59
N THR A 462 -2.00 -4.91 -15.77
CA THR A 462 -2.41 -5.37 -17.10
C THR A 462 -3.84 -4.88 -17.35
N GLY A 463 -4.16 -4.62 -18.61
CA GLY A 463 -5.48 -4.19 -19.01
C GLY A 463 -5.65 -2.74 -19.37
N SER A 464 -6.72 -2.47 -20.14
CA SER A 464 -7.14 -1.18 -20.65
C SER A 464 -7.45 -0.18 -19.51
N ASN A 465 -7.08 1.07 -19.72
CA ASN A 465 -7.34 2.14 -18.77
C ASN A 465 -8.86 2.38 -18.76
N PRO A 466 -9.52 2.29 -17.58
CA PRO A 466 -10.98 2.52 -17.54
C PRO A 466 -11.38 3.93 -17.97
N ASN A 467 -10.41 4.89 -17.96
CA ASN A 467 -10.64 6.24 -18.49
C ASN A 467 -10.55 6.13 -20.02
N LYS A 468 -11.65 6.41 -20.72
CA LYS A 468 -11.69 6.28 -22.16
C LYS A 468 -11.27 7.59 -22.88
N GLU A 469 -11.10 8.69 -22.13
CA GLU A 469 -10.66 9.99 -22.70
C GLU A 469 -9.12 10.11 -22.60
N THR A 470 -8.44 9.03 -23.04
CA THR A 470 -7.00 8.79 -23.00
C THR A 470 -6.49 8.21 -24.36
N PRO A 471 -5.17 8.22 -24.67
CA PRO A 471 -4.69 7.59 -25.92
C PRO A 471 -5.11 6.12 -26.02
N CYS A 472 -5.81 5.79 -27.08
CA CYS A 472 -6.24 4.42 -27.31
C CYS A 472 -5.43 3.82 -28.44
N LEU A 473 -4.71 2.73 -28.17
CA LEU A 473 -3.90 2.01 -29.15
C LEU A 473 -4.65 0.77 -29.69
N GLU A 474 -4.83 0.72 -31.02
CA GLU A 474 -5.45 -0.37 -31.76
C GLU A 474 -4.38 -1.40 -32.06
N LEU A 475 -4.71 -2.66 -31.80
CA LEU A 475 -3.83 -3.81 -31.98
C LEU A 475 -4.58 -4.93 -32.74
N GLU A 476 -3.84 -6.00 -33.10
CA GLU A 476 -4.32 -7.19 -33.81
C GLU A 476 -3.29 -8.32 -33.65
N PHE A 477 -3.78 -9.46 -33.21
CA PHE A 477 -2.98 -10.66 -33.01
C PHE A 477 -3.27 -11.63 -34.16
N ASP A 478 -2.58 -12.79 -34.15
CA ASP A 478 -2.75 -13.83 -35.16
C ASP A 478 -3.98 -14.70 -34.91
N TRP A 479 -4.66 -15.10 -36.00
CA TRP A 479 -5.80 -16.02 -35.94
C TRP A 479 -5.34 -17.33 -36.57
N PHE A 480 -5.38 -18.41 -35.77
CA PHE A 480 -4.95 -19.73 -36.23
C PHE A 480 -6.15 -20.61 -36.59
N SER A 481 -7.17 -20.00 -37.24
CA SER A 481 -8.42 -20.61 -37.72
C SER A 481 -9.31 -21.19 -36.61
N SER A 482 -8.81 -21.17 -35.34
CA SER A 482 -9.51 -21.66 -34.15
C SER A 482 -9.05 -20.99 -32.83
N VAL A 483 -9.52 -21.51 -31.69
CA VAL A 483 -9.23 -21.05 -30.34
C VAL A 483 -7.97 -21.78 -29.83
N VAL A 484 -6.84 -21.05 -29.72
CA VAL A 484 -5.57 -21.58 -29.20
C VAL A 484 -5.68 -21.51 -27.67
N LYS A 485 -5.47 -22.64 -27.01
CA LYS A 485 -5.53 -22.81 -25.55
C LYS A 485 -4.21 -23.39 -25.06
N PHE A 486 -3.75 -22.93 -23.89
CA PHE A 486 -2.49 -23.38 -23.30
C PHE A 486 -2.58 -24.88 -22.92
N PRO A 487 -1.50 -25.70 -23.15
CA PRO A 487 -1.55 -27.14 -22.79
C PRO A 487 -1.97 -27.46 -21.36
N ASP A 488 -2.66 -28.60 -21.17
CA ASP A 488 -3.10 -29.08 -19.86
C ASP A 488 -1.89 -29.63 -19.08
N MET A 489 -2.00 -29.71 -17.73
CA MET A 489 -0.92 -30.19 -16.85
C MET A 489 -0.47 -31.62 -17.19
N SER A 490 -1.41 -32.49 -17.64
CA SER A 490 -1.12 -33.86 -18.06
C SER A 490 -0.20 -33.85 -19.30
N VAL A 491 -0.52 -32.94 -20.26
CA VAL A 491 0.24 -32.72 -21.50
C VAL A 491 1.61 -32.10 -21.18
N ILE A 492 1.68 -31.23 -20.13
CA ILE A 492 2.94 -30.60 -19.72
C ILE A 492 3.84 -31.64 -19.01
N GLU A 493 3.26 -32.49 -18.13
CA GLU A 493 3.97 -33.56 -17.42
C GLU A 493 4.53 -34.61 -18.39
N GLU A 494 3.88 -34.74 -19.57
CA GLU A 494 4.26 -35.63 -20.68
C GLU A 494 5.61 -35.17 -21.24
N HIS A 495 5.67 -33.92 -21.76
CA HIS A 495 6.84 -33.26 -22.35
C HIS A 495 8.08 -33.22 -21.42
N ALA A 496 7.87 -33.37 -20.09
CA ALA A 496 8.94 -33.36 -19.10
C ALA A 496 9.61 -34.72 -18.89
N ASN A 497 8.90 -35.83 -19.20
CA ASN A 497 9.38 -37.21 -19.07
C ASN A 497 10.58 -37.52 -19.98
N TRP A 498 10.73 -36.71 -21.06
CA TRP A 498 11.85 -36.74 -22.00
C TRP A 498 12.54 -35.38 -21.97
N SER A 499 13.86 -35.37 -21.75
CA SER A 499 14.66 -34.14 -21.63
C SER A 499 14.75 -33.37 -22.95
N ARG A 524 31.74 -33.57 -7.16
CA ARG A 524 30.49 -33.89 -6.47
C ARG A 524 30.42 -33.31 -5.05
N GLU A 525 31.58 -33.07 -4.43
CA GLU A 525 31.66 -32.47 -3.09
C GLU A 525 31.85 -30.96 -3.16
N ASN A 526 32.76 -30.49 -4.05
CA ASN A 526 33.02 -29.05 -4.26
C ASN A 526 31.79 -28.38 -4.87
N ASP A 527 30.88 -29.19 -5.45
CA ASP A 527 29.62 -28.75 -6.03
C ASP A 527 28.55 -28.58 -4.94
N LYS A 528 28.55 -29.49 -3.93
CA LYS A 528 27.66 -29.47 -2.77
C LYS A 528 27.90 -28.21 -1.90
N GLU A 529 29.18 -27.82 -1.72
CA GLU A 529 29.59 -26.64 -0.94
C GLU A 529 29.23 -25.34 -1.67
N GLN A 530 29.22 -25.38 -3.03
CA GLN A 530 28.86 -24.26 -3.90
C GLN A 530 27.34 -24.03 -3.86
N LEU A 531 26.54 -25.12 -3.89
CA LEU A 531 25.08 -25.08 -3.82
C LEU A 531 24.60 -24.44 -2.53
N LYS A 532 25.20 -24.81 -1.37
CA LYS A 532 24.81 -24.21 -0.09
C LYS A 532 25.18 -22.71 -0.07
N ALA A 533 26.33 -22.35 -0.67
CA ALA A 533 26.83 -20.98 -0.77
C ALA A 533 25.91 -20.05 -1.54
N ILE A 534 25.28 -20.55 -2.62
CA ILE A 534 24.33 -19.81 -3.45
C ILE A 534 22.99 -19.63 -2.69
N SER A 535 22.54 -20.69 -1.97
CA SER A 535 21.29 -20.65 -1.21
C SER A 535 21.31 -19.64 -0.04
N THR A 536 22.52 -19.33 0.51
CA THR A 536 22.70 -18.37 1.59
C THR A 536 22.63 -16.93 1.08
N ARG A 537 23.05 -16.69 -0.18
CA ARG A 537 23.08 -15.36 -0.80
C ARG A 537 21.70 -14.65 -0.82
N ASP A 538 21.69 -13.29 -0.83
CA ASP A 538 20.46 -12.50 -0.77
C ASP A 538 19.63 -12.55 -2.08
N PRO A 539 18.30 -12.27 -2.03
CA PRO A 539 17.47 -12.37 -3.25
C PRO A 539 17.92 -11.55 -4.45
N LEU A 540 18.64 -10.43 -4.20
CA LEU A 540 19.12 -9.54 -5.25
C LEU A 540 20.62 -9.68 -5.54
N SER A 541 21.21 -10.83 -5.15
CA SER A 541 22.63 -11.07 -5.42
C SER A 541 22.81 -11.48 -6.86
N GLU A 542 23.93 -11.05 -7.46
CA GLU A 542 24.27 -11.39 -8.85
C GLU A 542 24.42 -12.91 -9.02
N ILE A 543 23.80 -13.47 -10.08
CA ILE A 543 23.91 -14.88 -10.43
C ILE A 543 24.52 -14.89 -11.83
N THR A 544 25.72 -15.48 -11.97
CA THR A 544 26.40 -15.52 -13.26
C THR A 544 25.79 -16.61 -14.12
N GLU A 545 25.92 -16.49 -15.46
CA GLU A 545 25.44 -17.48 -16.42
C GLU A 545 26.00 -18.88 -16.12
N GLN A 546 27.25 -18.94 -15.63
CA GLN A 546 27.95 -20.15 -15.19
C GLN A 546 27.19 -20.77 -14.05
N GLU A 547 26.79 -19.93 -13.03
CA GLU A 547 26.02 -20.34 -11.85
C GLU A 547 24.63 -20.80 -12.27
N LYS A 548 24.06 -20.17 -13.33
CA LYS A 548 22.74 -20.54 -13.87
C LYS A 548 22.79 -21.93 -14.50
N ASP A 549 23.85 -22.19 -15.33
CA ASP A 549 24.11 -23.49 -15.98
C ASP A 549 24.43 -24.53 -14.91
N PHE A 550 25.12 -24.10 -13.82
CA PHE A 550 25.47 -24.95 -12.67
C PHE A 550 24.22 -25.36 -11.89
N LEU A 551 23.35 -24.38 -11.53
CA LEU A 551 22.13 -24.65 -10.77
C LEU A 551 21.18 -25.54 -11.55
N TRP A 552 21.02 -25.28 -12.86
CA TRP A 552 20.16 -26.10 -13.71
C TRP A 552 20.67 -27.54 -13.87
N SER A 553 22.00 -27.76 -13.81
CA SER A 553 22.63 -29.07 -13.90
C SER A 553 22.35 -29.92 -12.66
N HIS A 554 22.38 -29.29 -11.48
CA HIS A 554 22.15 -29.97 -10.20
C HIS A 554 20.74 -29.81 -9.68
N ARG A 555 19.79 -29.44 -10.58
CA ARG A 555 18.37 -29.23 -10.29
C ARG A 555 17.71 -30.36 -9.47
N HIS A 556 18.21 -31.60 -9.56
CA HIS A 556 17.65 -32.71 -8.80
C HIS A 556 18.25 -32.84 -7.41
N TYR A 557 19.52 -32.43 -7.23
CA TYR A 557 20.16 -32.46 -5.91
C TYR A 557 19.61 -31.29 -5.08
N CYS A 558 19.18 -30.19 -5.76
CA CYS A 558 18.63 -28.96 -5.19
C CYS A 558 17.62 -29.20 -4.07
N VAL A 559 16.79 -30.26 -4.20
CA VAL A 559 15.77 -30.72 -3.24
C VAL A 559 16.33 -30.90 -1.80
N THR A 560 17.64 -31.20 -1.67
CA THR A 560 18.31 -31.38 -0.37
C THR A 560 18.43 -30.08 0.40
N ILE A 561 18.48 -28.93 -0.34
CA ILE A 561 18.54 -27.56 0.17
C ILE A 561 17.32 -26.85 -0.50
N PRO A 562 16.07 -27.08 -0.01
CA PRO A 562 14.88 -26.52 -0.71
C PRO A 562 14.83 -25.01 -0.91
N GLU A 563 15.53 -24.24 -0.05
CA GLU A 563 15.64 -22.76 -0.04
C GLU A 563 16.40 -22.17 -1.26
N ILE A 564 16.89 -23.03 -2.16
CA ILE A 564 17.60 -22.58 -3.35
C ILE A 564 16.63 -22.43 -4.54
N LEU A 565 15.37 -22.83 -4.32
CA LEU A 565 14.31 -22.76 -5.31
C LEU A 565 14.23 -21.37 -6.01
N PRO A 566 14.29 -20.20 -5.28
CA PRO A 566 14.27 -18.90 -5.99
C PRO A 566 15.46 -18.71 -6.95
N LYS A 567 16.64 -19.17 -6.51
CA LYS A 567 17.89 -19.12 -7.30
C LYS A 567 17.80 -20.06 -8.53
N LEU A 568 17.21 -21.27 -8.33
CA LEU A 568 17.01 -22.24 -9.39
C LEU A 568 15.99 -21.77 -10.44
N LEU A 569 14.86 -21.15 -9.98
CA LEU A 569 13.80 -20.62 -10.86
C LEU A 569 14.31 -19.50 -11.76
N LEU A 570 15.38 -18.82 -11.32
CA LEU A 570 16.01 -17.73 -12.06
C LEU A 570 17.03 -18.25 -13.06
N SER A 571 17.44 -19.53 -12.92
CA SER A 571 18.41 -20.25 -13.78
C SER A 571 17.71 -20.86 -14.97
N VAL A 572 16.38 -21.08 -14.87
CA VAL A 572 15.50 -21.67 -15.89
C VAL A 572 15.44 -20.69 -17.06
N LYS A 573 15.37 -21.22 -18.31
CA LYS A 573 15.19 -20.41 -19.51
C LYS A 573 13.66 -20.47 -19.75
N TRP A 574 12.93 -19.42 -19.31
CA TRP A 574 11.46 -19.34 -19.37
C TRP A 574 10.89 -19.32 -20.78
N ASN A 575 11.71 -18.89 -21.78
CA ASN A 575 11.38 -18.83 -23.21
C ASN A 575 11.61 -20.21 -23.91
N SER A 576 11.84 -21.28 -23.12
CA SER A 576 12.06 -22.65 -23.55
C SER A 576 11.04 -23.56 -22.86
N ARG A 577 10.01 -24.02 -23.62
CA ARG A 577 8.94 -24.92 -23.14
C ARG A 577 9.52 -26.21 -22.58
N ASP A 578 10.73 -26.58 -23.03
CA ASP A 578 11.50 -27.77 -22.65
C ASP A 578 11.92 -27.72 -21.18
N GLU A 579 12.55 -26.61 -20.75
CA GLU A 579 13.01 -26.40 -19.38
C GLU A 579 11.86 -26.11 -18.39
N VAL A 580 10.86 -25.33 -18.84
CA VAL A 580 9.68 -24.95 -18.06
C VAL A 580 8.89 -26.20 -17.62
N ALA A 581 8.56 -27.09 -18.59
CA ALA A 581 7.84 -28.34 -18.34
C ALA A 581 8.56 -29.14 -17.27
N GLN A 582 9.91 -29.14 -17.33
CA GLN A 582 10.72 -29.83 -16.34
C GLN A 582 10.68 -29.16 -14.97
N MET A 583 10.68 -27.82 -14.95
CA MET A 583 10.60 -27.01 -13.72
C MET A 583 9.28 -27.28 -13.02
N TYR A 584 8.17 -27.32 -13.79
CA TYR A 584 6.82 -27.60 -13.30
C TYR A 584 6.73 -28.92 -12.50
N CYS A 585 7.53 -29.94 -12.91
CA CYS A 585 7.55 -31.25 -12.27
C CYS A 585 8.37 -31.25 -11.00
N LEU A 586 9.39 -30.39 -10.94
CA LEU A 586 10.24 -30.26 -9.76
C LEU A 586 9.49 -29.52 -8.65
N VAL A 587 8.73 -28.45 -9.00
CA VAL A 587 8.00 -27.63 -8.02
C VAL A 587 6.82 -28.39 -7.46
N LYS A 588 6.21 -29.27 -8.29
CA LYS A 588 5.08 -30.14 -8.00
C LYS A 588 5.32 -30.95 -6.72
N ASP A 589 6.55 -31.47 -6.57
CA ASP A 589 6.95 -32.29 -5.43
C ASP A 589 7.88 -31.57 -4.46
N TRP A 590 8.39 -30.38 -4.85
CA TRP A 590 9.33 -29.55 -4.06
C TRP A 590 8.98 -29.45 -2.58
N PRO A 591 9.94 -29.72 -1.66
CA PRO A 591 9.66 -29.59 -0.22
C PRO A 591 9.26 -28.16 0.17
N PRO A 592 8.38 -27.96 1.17
CA PRO A 592 7.99 -26.58 1.52
C PRO A 592 9.13 -25.81 2.17
N ILE A 593 9.09 -24.50 2.02
CA ILE A 593 10.10 -23.59 2.56
C ILE A 593 9.47 -22.69 3.65
N LYS A 594 10.30 -21.93 4.41
CA LYS A 594 9.84 -21.02 5.47
C LYS A 594 9.07 -19.88 4.78
N PRO A 595 7.95 -19.37 5.38
CA PRO A 595 7.17 -18.31 4.70
C PRO A 595 7.97 -17.09 4.25
N GLU A 596 8.98 -16.69 5.05
CA GLU A 596 9.90 -15.59 4.77
C GLU A 596 10.64 -15.76 3.43
N GLN A 597 10.76 -17.02 2.97
CA GLN A 597 11.40 -17.40 1.70
C GLN A 597 10.34 -17.51 0.61
N ALA A 598 9.15 -18.06 0.95
CA ALA A 598 8.00 -18.21 0.07
C ALA A 598 7.49 -16.84 -0.45
N MET A 599 7.46 -15.83 0.44
CA MET A 599 7.02 -14.46 0.14
C MET A 599 7.74 -13.86 -1.05
N GLU A 600 9.00 -14.28 -1.28
CA GLU A 600 9.79 -13.84 -2.44
C GLU A 600 9.13 -14.30 -3.74
N LEU A 601 8.66 -15.55 -3.79
CA LEU A 601 8.05 -16.17 -4.97
C LEU A 601 6.70 -15.57 -5.31
N LEU A 602 6.29 -14.56 -4.53
CA LEU A 602 5.04 -13.84 -4.73
C LEU A 602 5.33 -12.44 -5.29
N ASP A 603 6.61 -12.01 -5.33
CA ASP A 603 6.96 -10.70 -5.87
C ASP A 603 6.86 -10.69 -7.41
N CYS A 604 7.11 -9.54 -8.05
CA CYS A 604 6.99 -9.38 -9.49
C CYS A 604 8.05 -10.14 -10.30
N ASN A 605 9.08 -10.69 -9.65
CA ASN A 605 10.05 -11.46 -10.40
C ASN A 605 9.61 -12.90 -10.73
N TYR A 606 8.63 -13.46 -9.95
CA TYR A 606 8.09 -14.80 -10.09
C TYR A 606 6.62 -14.77 -10.52
N PRO A 607 6.33 -14.61 -11.84
CA PRO A 607 4.93 -14.52 -12.27
C PRO A 607 4.21 -15.85 -12.56
N ASP A 608 4.97 -16.97 -12.71
CA ASP A 608 4.42 -18.27 -13.04
C ASP A 608 3.39 -18.79 -12.02
N PRO A 609 2.17 -19.21 -12.51
CA PRO A 609 1.12 -19.70 -11.59
C PRO A 609 1.50 -20.91 -10.76
N MET A 610 2.42 -21.77 -11.26
CA MET A 610 2.87 -22.96 -10.53
C MET A 610 3.73 -22.57 -9.35
N VAL A 611 4.73 -21.69 -9.58
CA VAL A 611 5.63 -21.12 -8.58
C VAL A 611 4.82 -20.45 -7.46
N ARG A 612 3.90 -19.55 -7.86
CA ARG A 612 3.01 -18.81 -6.96
C ARG A 612 2.12 -19.75 -6.14
N GLY A 613 1.60 -20.81 -6.77
CA GLY A 613 0.80 -21.83 -6.12
C GLY A 613 1.59 -22.51 -5.01
N PHE A 614 2.83 -22.91 -5.31
CA PHE A 614 3.72 -23.50 -4.33
C PHE A 614 3.84 -22.54 -3.15
N ALA A 615 4.18 -21.26 -3.41
CA ALA A 615 4.32 -20.19 -2.39
C ALA A 615 3.10 -20.07 -1.46
N VAL A 616 1.87 -20.04 -2.04
CA VAL A 616 0.60 -19.95 -1.30
C VAL A 616 0.40 -21.17 -0.41
N ARG A 617 0.84 -22.37 -0.88
CA ARG A 617 0.71 -23.59 -0.08
C ARG A 617 1.59 -23.53 1.16
N CYS A 618 2.81 -22.98 1.03
CA CYS A 618 3.75 -22.82 2.15
C CYS A 618 3.18 -21.92 3.24
N LEU A 619 2.41 -20.88 2.85
CA LEU A 619 1.80 -19.90 3.76
C LEU A 619 0.63 -20.54 4.48
N GLU A 620 -0.21 -21.28 3.72
CA GLU A 620 -1.34 -22.05 4.22
C GLU A 620 -0.85 -23.02 5.32
N LYS A 621 0.36 -23.58 5.12
CA LYS A 621 1.01 -24.53 6.02
C LYS A 621 1.74 -23.90 7.21
N TYR A 622 2.67 -22.98 6.94
CA TYR A 622 3.58 -22.47 7.95
C TYR A 622 3.35 -21.04 8.45
N LEU A 623 2.66 -20.18 7.67
CA LEU A 623 2.42 -18.79 8.08
C LEU A 623 1.40 -18.66 9.24
N THR A 624 1.87 -18.17 10.40
CA THR A 624 1.09 -17.93 11.61
C THR A 624 0.35 -16.61 11.47
N ASP A 625 -0.78 -16.46 12.18
CA ASP A 625 -1.60 -15.25 12.13
C ASP A 625 -0.85 -14.00 12.58
N ASP A 626 0.16 -14.17 13.47
CA ASP A 626 1.09 -13.15 13.97
C ASP A 626 1.92 -12.58 12.81
N LYS A 627 2.47 -13.46 11.98
CA LYS A 627 3.32 -13.08 10.85
C LYS A 627 2.50 -12.55 9.71
N LEU A 628 1.28 -13.08 9.51
CA LEU A 628 0.33 -12.62 8.49
C LEU A 628 -0.04 -11.17 8.81
N SER A 629 -0.30 -10.87 10.10
CA SER A 629 -0.60 -9.53 10.57
C SER A 629 0.62 -8.61 10.38
N GLN A 630 1.83 -9.11 10.67
CA GLN A 630 3.08 -8.38 10.53
C GLN A 630 3.44 -7.99 9.07
N TYR A 631 3.14 -8.84 8.06
CA TYR A 631 3.48 -8.55 6.65
C TYR A 631 2.28 -8.30 5.76
N LEU A 632 1.10 -8.00 6.36
CA LEU A 632 -0.13 -7.76 5.60
C LEU A 632 0.01 -6.63 4.57
N ILE A 633 0.75 -5.53 4.89
CA ILE A 633 1.00 -4.43 3.97
C ILE A 633 1.54 -5.01 2.65
N GLN A 634 2.55 -5.88 2.74
CA GLN A 634 3.21 -6.51 1.59
C GLN A 634 2.31 -7.49 0.82
N LEU A 635 1.61 -8.42 1.53
CA LEU A 635 0.76 -9.44 0.91
C LEU A 635 -0.39 -8.86 0.10
N VAL A 636 -0.94 -7.71 0.56
CA VAL A 636 -1.97 -6.94 -0.13
C VAL A 636 -1.31 -6.29 -1.39
N GLN A 637 -0.07 -5.80 -1.28
CA GLN A 637 0.63 -5.18 -2.41
C GLN A 637 0.93 -6.13 -3.58
N VAL A 638 1.27 -7.38 -3.28
CA VAL A 638 1.58 -8.37 -4.31
C VAL A 638 0.31 -8.89 -5.00
N LEU A 639 -0.90 -8.49 -4.54
CA LEU A 639 -2.16 -8.89 -5.19
C LEU A 639 -2.24 -8.17 -6.52
N LYS A 640 -1.63 -6.98 -6.60
CA LYS A 640 -1.55 -6.14 -7.80
C LYS A 640 -0.61 -6.76 -8.88
N TYR A 641 0.30 -7.69 -8.50
CA TYR A 641 1.23 -8.33 -9.46
C TYR A 641 0.57 -9.51 -10.14
N GLU A 642 -0.55 -9.98 -9.58
CA GLU A 642 -1.30 -11.12 -10.08
C GLU A 642 -1.88 -10.83 -11.44
N GLN A 643 -1.74 -11.78 -12.38
CA GLN A 643 -2.23 -11.64 -13.75
C GLN A 643 -3.75 -11.59 -13.76
N TYR A 644 -4.39 -12.38 -12.87
CA TYR A 644 -5.85 -12.48 -12.89
C TYR A 644 -6.48 -12.14 -11.57
N LEU A 645 -7.78 -11.84 -11.61
CA LEU A 645 -8.61 -11.53 -10.47
C LEU A 645 -8.72 -12.77 -9.56
N ASP A 646 -9.02 -13.94 -10.15
CA ASP A 646 -9.08 -15.18 -9.37
C ASP A 646 -7.70 -15.82 -9.40
N ASN A 647 -7.15 -16.07 -8.21
CA ASN A 647 -5.85 -16.69 -8.01
C ASN A 647 -5.81 -17.25 -6.61
N LEU A 648 -4.82 -18.10 -6.33
CA LEU A 648 -4.74 -18.73 -5.02
C LEU A 648 -4.41 -17.78 -3.88
N LEU A 649 -3.67 -16.68 -4.17
CA LEU A 649 -3.31 -15.70 -3.15
C LEU A 649 -4.53 -14.94 -2.59
N VAL A 650 -5.37 -14.41 -3.49
CA VAL A 650 -6.56 -13.67 -3.10
C VAL A 650 -7.51 -14.51 -2.21
N ARG A 651 -7.65 -15.83 -2.49
CA ARG A 651 -8.50 -16.78 -1.74
C ARG A 651 -7.97 -17.05 -0.34
N PHE A 652 -6.65 -17.32 -0.25
CA PHE A 652 -5.95 -17.54 1.00
C PHE A 652 -6.11 -16.30 1.89
N LEU A 653 -5.81 -15.09 1.38
CA LEU A 653 -5.92 -13.82 2.14
C LEU A 653 -7.34 -13.52 2.63
N LEU A 654 -8.33 -13.63 1.72
CA LEU A 654 -9.74 -13.46 2.01
C LEU A 654 -10.25 -14.49 3.01
N LYS A 655 -9.77 -15.75 2.94
CA LYS A 655 -10.12 -16.80 3.90
C LYS A 655 -9.66 -16.38 5.30
N LYS A 656 -8.40 -15.95 5.41
CA LYS A 656 -7.82 -15.54 6.68
C LYS A 656 -8.46 -14.27 7.23
N ALA A 657 -8.87 -13.37 6.33
CA ALA A 657 -9.57 -12.14 6.72
C ALA A 657 -10.95 -12.45 7.31
N LEU A 658 -11.58 -13.51 6.79
CA LEU A 658 -12.91 -13.96 7.21
C LEU A 658 -12.93 -14.98 8.36
N THR A 659 -11.75 -15.30 8.93
CA THR A 659 -11.68 -16.22 10.06
C THR A 659 -10.89 -15.59 11.23
N ASN A 660 -10.44 -14.35 11.04
CA ASN A 660 -9.72 -13.57 12.03
C ASN A 660 -10.04 -12.08 11.82
N GLN A 661 -10.84 -11.49 12.72
CA GLN A 661 -11.25 -10.09 12.63
C GLN A 661 -10.13 -9.05 12.79
N ARG A 662 -9.01 -9.40 13.45
CA ARG A 662 -7.83 -8.52 13.56
C ARG A 662 -7.18 -8.42 12.15
N ILE A 663 -7.13 -9.56 11.41
CA ILE A 663 -6.66 -9.67 10.04
C ILE A 663 -7.68 -8.99 9.09
N GLY A 664 -8.96 -9.24 9.32
CA GLY A 664 -10.05 -8.64 8.54
C GLY A 664 -10.04 -7.13 8.53
N HIS A 665 -9.88 -6.51 9.72
CA HIS A 665 -9.77 -5.06 9.96
C HIS A 665 -8.70 -4.41 9.06
N PHE A 666 -7.41 -4.85 9.19
CA PHE A 666 -6.31 -4.27 8.41
C PHE A 666 -6.38 -4.61 6.93
N PHE A 667 -6.93 -5.76 6.59
CA PHE A 667 -7.13 -6.21 5.21
C PHE A 667 -8.05 -5.19 4.52
N PHE A 668 -9.20 -4.89 5.17
CA PHE A 668 -10.16 -3.89 4.69
C PHE A 668 -9.47 -2.51 4.54
N TRP A 669 -8.81 -2.05 5.60
CA TRP A 669 -8.18 -0.72 5.59
C TRP A 669 -7.03 -0.58 4.59
N HIS A 670 -6.25 -1.65 4.35
CA HIS A 670 -5.22 -1.54 3.30
C HIS A 670 -5.84 -1.51 1.89
N LEU A 671 -6.93 -2.24 1.66
CA LEU A 671 -7.59 -2.22 0.35
C LEU A 671 -8.35 -0.92 0.13
N LYS A 672 -9.17 -0.49 1.11
CA LYS A 672 -9.94 0.76 1.04
C LYS A 672 -9.10 2.01 0.79
N SER A 673 -7.89 2.08 1.37
CA SER A 673 -7.00 3.22 1.20
C SER A 673 -6.54 3.40 -0.23
N GLU A 674 -6.48 2.31 -1.03
CA GLU A 674 -6.04 2.31 -2.43
C GLU A 674 -7.20 2.43 -3.45
N MET A 675 -8.48 2.52 -2.97
CA MET A 675 -9.68 2.61 -3.79
C MET A 675 -9.74 3.79 -4.75
N HIS A 676 -9.05 4.92 -4.45
CA HIS A 676 -8.97 6.12 -5.29
C HIS A 676 -8.07 5.88 -6.51
N ASN A 677 -7.24 4.83 -6.44
CA ASN A 677 -6.24 4.53 -7.46
C ASN A 677 -6.86 3.64 -8.55
N LYS A 678 -7.14 4.25 -9.71
CA LYS A 678 -7.80 3.60 -10.86
C LYS A 678 -7.02 2.41 -11.49
N THR A 679 -5.76 2.18 -11.08
CA THR A 679 -5.03 1.01 -11.57
C THR A 679 -5.44 -0.26 -10.82
N VAL A 680 -6.15 -0.14 -9.68
CA VAL A 680 -6.53 -1.26 -8.82
C VAL A 680 -7.95 -1.17 -8.26
N SER A 681 -8.65 -0.04 -8.47
CA SER A 681 -9.99 0.17 -7.91
C SER A 681 -11.00 -0.97 -8.23
N GLN A 682 -10.97 -1.53 -9.47
CA GLN A 682 -11.86 -2.63 -9.81
C GLN A 682 -11.50 -3.90 -9.01
N ARG A 683 -10.22 -4.31 -9.05
CA ARG A 683 -9.71 -5.49 -8.33
C ARG A 683 -10.00 -5.42 -6.85
N PHE A 684 -9.64 -4.28 -6.23
CA PHE A 684 -9.81 -4.04 -4.78
C PHE A 684 -11.25 -3.87 -4.39
N GLY A 685 -12.07 -3.28 -5.26
CA GLY A 685 -13.49 -3.09 -5.02
C GLY A 685 -14.25 -4.41 -4.95
N LEU A 686 -13.97 -5.34 -5.90
CA LEU A 686 -14.56 -6.68 -6.00
C LEU A 686 -14.22 -7.56 -4.79
N LEU A 687 -12.94 -7.52 -4.37
CA LEU A 687 -12.42 -8.21 -3.22
C LEU A 687 -13.04 -7.61 -1.95
N LEU A 688 -13.19 -6.27 -1.90
CA LEU A 688 -13.85 -5.64 -0.74
C LEU A 688 -15.32 -6.00 -0.69
N GLU A 689 -16.01 -6.20 -1.86
CA GLU A 689 -17.41 -6.61 -1.90
C GLU A 689 -17.58 -7.96 -1.24
N SER A 690 -16.76 -8.96 -1.64
CA SER A 690 -16.84 -10.31 -1.08
C SER A 690 -16.47 -10.34 0.40
N TYR A 691 -15.47 -9.52 0.83
CA TYR A 691 -15.14 -9.40 2.25
C TYR A 691 -16.35 -8.89 3.05
N CYS A 692 -16.99 -7.83 2.57
CA CYS A 692 -18.09 -7.18 3.26
C CYS A 692 -19.37 -8.01 3.28
N ARG A 693 -19.53 -8.89 2.28
CA ARG A 693 -20.66 -9.81 2.15
C ARG A 693 -20.54 -10.93 3.21
N ALA A 694 -19.31 -11.33 3.55
CA ALA A 694 -19.11 -12.42 4.50
C ALA A 694 -18.54 -12.05 5.89
N CYS A 695 -18.16 -10.78 6.15
CA CYS A 695 -17.53 -10.45 7.44
C CYS A 695 -18.51 -10.43 8.65
N GLY A 696 -19.81 -10.49 8.38
CA GLY A 696 -20.83 -10.49 9.41
C GLY A 696 -21.03 -9.13 10.03
N MET A 697 -21.13 -9.10 11.38
CA MET A 697 -21.40 -7.91 12.18
C MET A 697 -20.31 -6.86 12.15
N TYR A 698 -19.10 -7.25 11.69
CA TYR A 698 -17.99 -6.33 11.61
C TYR A 698 -18.24 -5.22 10.59
N LEU A 699 -19.11 -5.44 9.59
CA LEU A 699 -19.47 -4.43 8.60
C LEU A 699 -20.08 -3.19 9.26
N LYS A 700 -20.94 -3.39 10.26
CA LYS A 700 -21.60 -2.32 10.99
C LYS A 700 -20.56 -1.47 11.72
N HIS A 701 -19.52 -2.13 12.29
CA HIS A 701 -18.43 -1.47 13.00
C HIS A 701 -17.52 -0.71 12.07
N LEU A 702 -17.28 -1.29 10.87
CA LEU A 702 -16.44 -0.69 9.86
C LEU A 702 -17.10 0.52 9.24
N ASN A 703 -18.42 0.47 9.06
CA ASN A 703 -19.24 1.55 8.53
C ASN A 703 -19.27 2.72 9.47
N ARG A 704 -19.20 2.47 10.80
CA ARG A 704 -19.12 3.53 11.82
C ARG A 704 -17.74 4.22 11.73
N GLN A 705 -16.66 3.47 11.47
CA GLN A 705 -15.29 3.99 11.34
C GLN A 705 -15.20 4.87 10.08
N VAL A 706 -15.70 4.33 8.95
CA VAL A 706 -15.78 4.97 7.64
C VAL A 706 -16.57 6.30 7.77
N GLU A 707 -17.73 6.33 8.46
CA GLU A 707 -18.50 7.57 8.59
C GLU A 707 -17.80 8.60 9.52
N ALA A 708 -17.13 8.13 10.59
CA ALA A 708 -16.35 8.98 11.48
C ALA A 708 -15.22 9.63 10.70
N MET A 709 -14.58 8.85 9.81
CA MET A 709 -13.49 9.32 8.96
C MET A 709 -13.92 10.31 7.93
N GLU A 710 -15.12 10.14 7.35
CA GLU A 710 -15.69 11.04 6.32
C GLU A 710 -16.07 12.40 6.90
N LYS A 711 -16.50 12.40 8.16
CA LYS A 711 -16.83 13.63 8.87
C LYS A 711 -15.56 14.46 9.13
N LEU A 712 -14.44 13.78 9.46
CA LEU A 712 -13.11 14.36 9.70
C LEU A 712 -12.46 14.87 8.40
N ILE A 713 -12.64 14.14 7.27
CA ILE A 713 -12.14 14.59 5.95
C ILE A 713 -12.87 15.89 5.58
N ASN A 714 -14.19 15.94 5.75
CA ASN A 714 -14.99 17.12 5.43
C ASN A 714 -14.55 18.31 6.25
N LEU A 715 -14.41 18.14 7.57
CA LEU A 715 -13.99 19.18 8.51
C LEU A 715 -12.66 19.80 8.16
N THR A 716 -11.67 18.95 7.90
CA THR A 716 -10.34 19.39 7.54
C THR A 716 -10.35 19.99 6.13
N ASP A 717 -11.21 19.52 5.22
CA ASP A 717 -11.35 20.05 3.86
C ASP A 717 -11.79 21.53 3.86
N ILE A 718 -12.64 21.92 4.84
CA ILE A 718 -13.15 23.28 5.04
C ILE A 718 -12.01 24.16 5.53
N LEU A 719 -11.18 23.65 6.47
CA LEU A 719 -10.03 24.37 7.03
C LEU A 719 -8.94 24.59 5.98
N LYS A 720 -8.75 23.65 5.03
CA LYS A 720 -7.75 23.72 3.95
C LYS A 720 -8.23 24.59 2.76
N GLN A 721 -9.56 24.83 2.64
CA GLN A 721 -10.06 25.59 1.48
C GLN A 721 -10.71 26.94 1.84
N GLU A 722 -11.98 26.93 2.25
CA GLU A 722 -12.75 28.12 2.57
C GLU A 722 -12.27 28.82 3.82
N LYS A 723 -11.58 28.10 4.71
CA LYS A 723 -11.14 28.72 5.96
C LYS A 723 -9.61 28.72 6.09
N LYS A 724 -8.90 28.49 4.95
CA LYS A 724 -7.43 28.45 4.85
C LYS A 724 -6.77 29.74 5.35
N ASP A 725 -7.33 30.90 4.94
CA ASP A 725 -6.84 32.22 5.31
C ASP A 725 -7.55 32.76 6.56
N GLU A 726 -7.61 31.94 7.63
CA GLU A 726 -8.24 32.28 8.92
C GLU A 726 -7.32 31.92 10.08
N THR A 727 -7.35 32.74 11.14
CA THR A 727 -6.53 32.57 12.34
C THR A 727 -6.90 31.29 13.10
N GLN A 728 -5.97 30.79 13.93
CA GLN A 728 -6.14 29.60 14.78
C GLN A 728 -7.40 29.73 15.64
N LYS A 729 -7.52 30.86 16.36
CA LYS A 729 -8.64 31.19 17.25
C LYS A 729 -9.99 31.03 16.53
N VAL A 730 -10.08 31.56 15.29
CA VAL A 730 -11.27 31.53 14.42
C VAL A 730 -11.55 30.09 13.95
N GLN A 731 -10.49 29.37 13.54
CA GLN A 731 -10.57 27.99 13.07
C GLN A 731 -11.04 27.05 14.18
N MET A 732 -10.51 27.25 15.41
CA MET A 732 -10.87 26.48 16.59
C MET A 732 -12.32 26.76 16.97
N LYS A 733 -12.73 28.04 16.85
CA LYS A 733 -14.11 28.45 17.13
C LYS A 733 -15.05 27.70 16.20
N PHE A 734 -14.71 27.61 14.90
CA PHE A 734 -15.50 26.88 13.91
C PHE A 734 -15.50 25.35 14.18
N LEU A 735 -14.32 24.78 14.50
CA LEU A 735 -14.13 23.39 14.85
C LEU A 735 -14.99 22.97 16.07
N VAL A 736 -14.94 23.73 17.19
CA VAL A 736 -15.71 23.41 18.40
C VAL A 736 -17.23 23.52 18.15
N GLU A 737 -17.67 24.57 17.42
CA GLU A 737 -19.08 24.77 17.04
C GLU A 737 -19.59 23.62 16.18
N GLN A 738 -18.76 23.09 15.26
CA GLN A 738 -19.16 22.00 14.38
C GLN A 738 -19.20 20.66 15.06
N MET A 739 -18.16 20.37 15.85
CA MET A 739 -18.06 19.10 16.55
C MET A 739 -19.19 18.89 17.56
N ARG A 740 -19.70 19.98 18.16
N ARG A 740 -19.69 20.00 18.14
CA ARG A 740 -20.79 19.95 19.14
CA ARG A 740 -20.80 20.06 19.11
C ARG A 740 -22.18 19.68 18.52
C ARG A 740 -22.16 19.63 18.51
N ARG A 741 -22.28 19.61 17.17
CA ARG A 741 -23.52 19.26 16.45
C ARG A 741 -23.91 17.77 16.70
N PRO A 742 -25.23 17.46 16.92
CA PRO A 742 -25.65 16.07 17.22
C PRO A 742 -25.17 15.07 16.19
N ASP A 743 -25.24 15.40 14.87
CA ASP A 743 -24.75 14.56 13.77
C ASP A 743 -23.23 14.28 13.87
N PHE A 744 -22.45 15.25 14.36
CA PHE A 744 -21.01 15.12 14.52
C PHE A 744 -20.68 14.28 15.72
N MET A 745 -21.38 14.51 16.85
CA MET A 745 -21.22 13.79 18.11
C MET A 745 -21.72 12.34 17.99
N ASP A 746 -22.73 12.09 17.14
CA ASP A 746 -23.29 10.76 16.89
C ASP A 746 -22.25 9.89 16.23
N ALA A 747 -21.55 10.48 15.24
CA ALA A 747 -20.58 9.88 14.35
C ALA A 747 -19.14 9.76 14.88
N LEU A 748 -18.66 10.74 15.64
CA LEU A 748 -17.29 10.72 16.11
C LEU A 748 -17.10 10.16 17.53
N GLN A 749 -18.14 9.51 18.08
CA GLN A 749 -18.05 8.92 19.43
C GLN A 749 -18.67 7.53 19.38
N GLY A 750 -18.08 6.58 20.10
CA GLY A 750 -18.62 5.24 20.18
C GLY A 750 -18.32 4.32 19.02
N PHE A 751 -17.07 4.31 18.57
CA PHE A 751 -16.65 3.42 17.48
C PHE A 751 -15.24 2.83 17.80
N LEU A 752 -14.78 1.90 16.97
CA LEU A 752 -13.48 1.30 17.20
C LEU A 752 -12.40 2.08 16.48
N SER A 753 -11.20 2.11 17.05
CA SER A 753 -10.07 2.81 16.49
C SER A 753 -9.57 2.11 15.22
N PRO A 754 -9.50 2.76 14.04
CA PRO A 754 -8.90 2.10 12.86
C PRO A 754 -7.42 1.70 13.05
N LEU A 755 -6.72 2.31 14.03
CA LEU A 755 -5.32 1.97 14.35
C LEU A 755 -5.21 0.62 15.08
N ASN A 756 -6.24 0.27 15.89
CA ASN A 756 -6.32 -0.99 16.65
C ASN A 756 -7.76 -1.26 17.02
N PRO A 757 -8.41 -2.23 16.37
CA PRO A 757 -9.83 -2.55 16.69
C PRO A 757 -10.12 -3.05 18.11
N ALA A 758 -9.06 -3.37 18.88
CA ALA A 758 -9.17 -3.79 20.29
C ALA A 758 -9.32 -2.53 21.15
N HIS A 759 -9.02 -1.33 20.56
CA HIS A 759 -9.17 -0.03 21.20
C HIS A 759 -10.52 0.64 20.87
N GLN A 760 -11.32 0.92 21.92
CA GLN A 760 -12.62 1.61 21.81
C GLN A 760 -12.51 3.10 21.95
N LEU A 761 -13.13 3.82 21.02
CA LEU A 761 -13.11 5.28 21.07
C LEU A 761 -14.48 5.72 21.62
N GLY A 762 -14.51 6.14 22.88
CA GLY A 762 -15.75 6.55 23.53
C GLY A 762 -16.09 8.00 23.28
N ASN A 763 -16.32 8.77 24.36
CA ASN A 763 -16.67 10.17 24.18
C ASN A 763 -15.47 11.01 23.86
N LEU A 764 -15.68 11.99 22.98
CA LEU A 764 -14.67 12.95 22.57
C LEU A 764 -14.43 13.96 23.69
N ARG A 765 -13.17 14.11 24.13
N ARG A 765 -13.18 14.12 24.12
CA ARG A 765 -12.81 15.09 25.15
CA ARG A 765 -12.83 15.09 25.14
C ARG A 765 -12.50 16.38 24.38
C ARG A 765 -12.51 16.38 24.39
N LEU A 766 -13.57 17.06 23.93
CA LEU A 766 -13.54 18.28 23.11
C LEU A 766 -12.60 19.40 23.57
N GLU A 767 -12.39 19.53 24.89
CA GLU A 767 -11.49 20.53 25.48
C GLU A 767 -10.01 20.16 25.31
N GLU A 768 -9.73 18.94 24.81
CA GLU A 768 -8.38 18.43 24.57
C GLU A 768 -8.10 18.28 23.07
N CYS A 769 -9.09 18.55 22.22
CA CYS A 769 -8.91 18.44 20.78
C CYS A 769 -8.36 19.75 20.25
N GLU A 770 -7.38 19.68 19.32
CA GLU A 770 -6.82 20.90 18.73
C GLU A 770 -6.31 20.75 17.31
N ILE A 771 -6.42 21.85 16.54
CA ILE A 771 -5.85 22.01 15.21
C ILE A 771 -4.38 22.41 15.48
N MET A 772 -3.41 21.72 14.89
CA MET A 772 -1.99 22.03 15.10
C MET A 772 -1.52 23.27 14.36
N SER A 773 -0.61 24.08 15.00
CA SER A 773 -0.04 25.35 14.50
C SER A 773 0.68 25.29 13.14
N SER A 774 1.08 24.08 12.68
CA SER A 774 1.77 23.87 11.40
C SER A 774 0.89 24.25 10.18
N ALA A 775 1.51 24.33 9.00
CA ALA A 775 0.87 24.67 7.74
C ALA A 775 -0.10 23.59 7.22
N LYS A 776 0.15 22.30 7.57
CA LYS A 776 -0.69 21.16 7.16
C LYS A 776 -2.05 21.18 7.89
N ARG A 777 -2.06 21.78 9.11
CA ARG A 777 -3.15 21.92 10.07
C ARG A 777 -3.75 20.55 10.49
N PRO A 778 -2.92 19.58 10.95
CA PRO A 778 -3.48 18.30 11.39
C PRO A 778 -4.32 18.45 12.65
N LEU A 779 -5.04 17.40 13.00
CA LEU A 779 -5.91 17.41 14.16
C LEU A 779 -5.42 16.49 15.23
N LYS A 780 -5.36 16.97 16.45
CA LYS A 780 -5.06 16.13 17.61
C LYS A 780 -6.44 15.85 18.18
N LEU A 781 -6.88 14.61 18.11
CA LEU A 781 -8.16 14.24 18.66
C LEU A 781 -7.92 13.38 19.88
N ASN A 782 -8.71 13.63 20.92
CA ASN A 782 -8.68 12.91 22.19
C ASN A 782 -10.03 12.26 22.47
N TRP A 783 -10.03 10.96 22.80
CA TRP A 783 -11.27 10.22 23.15
C TRP A 783 -11.06 9.58 24.47
N GLU A 784 -12.10 9.46 25.30
CA GLU A 784 -12.04 8.66 26.53
C GLU A 784 -12.00 7.17 26.13
N ASN A 785 -11.24 6.35 26.89
CA ASN A 785 -11.25 4.90 26.70
C ASN A 785 -12.48 4.45 27.54
N PRO A 786 -13.56 3.94 26.93
CA PRO A 786 -14.76 3.62 27.70
C PRO A 786 -14.71 2.31 28.49
N ASP A 787 -13.59 1.57 28.41
CA ASP A 787 -13.39 0.32 29.13
C ASP A 787 -13.53 0.55 30.64
N ILE A 788 -14.23 -0.38 31.32
CA ILE A 788 -14.50 -0.40 32.76
C ILE A 788 -13.21 -0.24 33.60
N MET A 789 -12.04 -0.65 33.05
CA MET A 789 -10.76 -0.64 33.76
C MET A 789 -9.65 0.09 32.97
N SER A 790 -10.02 1.20 32.33
CA SER A 790 -9.15 2.04 31.50
C SER A 790 -7.90 2.53 32.23
N GLU A 791 -8.04 2.83 33.53
CA GLU A 791 -6.96 3.35 34.39
C GLU A 791 -5.74 2.42 34.47
N LEU A 792 -5.93 1.11 34.22
CA LEU A 792 -4.87 0.10 34.22
C LEU A 792 -4.16 -0.09 32.87
N LEU A 793 -4.51 0.74 31.86
CA LEU A 793 -3.93 0.73 30.52
C LEU A 793 -3.68 2.18 30.07
N PHE A 794 -4.76 2.93 29.74
CA PHE A 794 -4.74 4.37 29.38
C PHE A 794 -6.14 4.92 29.49
N GLN A 795 -6.29 6.11 30.05
CA GLN A 795 -7.63 6.66 30.22
C GLN A 795 -8.15 7.35 28.96
N ASN A 796 -7.21 7.86 28.15
CA ASN A 796 -7.52 8.59 26.93
C ASN A 796 -6.76 8.05 25.73
N ASN A 797 -7.44 8.01 24.57
CA ASN A 797 -6.87 7.57 23.31
C ASN A 797 -6.69 8.82 22.44
N ILE A 798 -5.43 9.11 22.09
CA ILE A 798 -5.04 10.31 21.33
C ILE A 798 -4.51 9.94 19.94
N ILE A 799 -5.04 10.59 18.88
CA ILE A 799 -4.71 10.32 17.46
C ILE A 799 -4.55 11.63 16.68
N MET A 800 -3.54 11.68 15.82
CA MET A 800 -3.33 12.79 14.92
C MET A 800 -3.97 12.37 13.58
N PHE A 801 -4.94 13.18 13.11
CA PHE A 801 -5.64 12.98 11.85
C PHE A 801 -5.00 13.91 10.82
N LYS A 802 -4.47 13.33 9.73
CA LYS A 802 -3.76 14.10 8.70
C LYS A 802 -4.42 14.00 7.32
N ASN A 803 -4.81 15.15 6.76
CA ASN A 803 -5.42 15.23 5.45
C ASN A 803 -4.58 16.14 4.58
N GLY A 804 -3.85 15.57 3.62
CA GLY A 804 -3.01 16.32 2.70
C GLY A 804 -1.67 15.71 2.37
N ASP A 805 -1.04 15.09 3.37
CA ASP A 805 0.23 14.43 3.13
C ASP A 805 0.00 12.95 3.02
N ASP A 806 0.72 12.33 2.07
CA ASP A 806 0.73 10.89 1.81
C ASP A 806 1.51 10.24 2.95
N LEU A 807 0.84 9.36 3.72
CA LEU A 807 1.43 8.66 4.86
C LEU A 807 1.81 7.20 4.59
N ARG A 808 1.79 6.76 3.32
CA ARG A 808 2.10 5.36 2.99
C ARG A 808 3.55 5.04 3.31
N GLN A 809 4.48 5.95 2.95
CA GLN A 809 5.91 5.80 3.20
C GLN A 809 6.21 5.72 4.68
N ASP A 810 5.55 6.57 5.50
CA ASP A 810 5.74 6.60 6.96
C ASP A 810 5.16 5.36 7.63
N MET A 811 4.04 4.87 7.10
CA MET A 811 3.40 3.63 7.52
C MET A 811 4.34 2.45 7.26
N LEU A 812 5.00 2.40 6.07
CA LEU A 812 5.93 1.32 5.72
C LEU A 812 7.16 1.36 6.61
N THR A 813 7.76 2.56 6.80
CA THR A 813 8.95 2.83 7.62
C THR A 813 8.75 2.35 9.04
N LEU A 814 7.62 2.67 9.64
CA LEU A 814 7.26 2.25 10.99
C LEU A 814 7.00 0.76 11.08
N GLN A 815 6.55 0.15 9.98
CA GLN A 815 6.31 -1.28 9.94
C GLN A 815 7.64 -2.00 9.93
N ILE A 816 8.63 -1.48 9.16
CA ILE A 816 10.00 -2.01 9.06
C ILE A 816 10.72 -1.95 10.42
N ILE A 817 10.51 -0.85 11.19
CA ILE A 817 11.07 -0.66 12.52
C ILE A 817 10.54 -1.72 13.50
N ARG A 818 9.21 -1.98 13.47
CA ARG A 818 8.54 -2.99 14.30
C ARG A 818 9.13 -4.35 14.02
N ILE A 819 9.29 -4.69 12.73
CA ILE A 819 9.91 -5.95 12.32
C ILE A 819 11.36 -6.05 12.87
N MET A 820 12.16 -4.96 12.74
CA MET A 820 13.52 -4.86 13.27
C MET A 820 13.56 -5.05 14.78
N GLU A 821 12.65 -4.37 15.49
CA GLU A 821 12.46 -4.43 16.94
C GLU A 821 12.18 -5.89 17.34
N ASN A 822 11.26 -6.57 16.63
CA ASN A 822 10.94 -7.96 16.85
C ASN A 822 12.14 -8.90 16.68
N ILE A 823 12.95 -8.75 15.60
CA ILE A 823 14.16 -9.55 15.34
C ILE A 823 15.11 -9.37 16.54
N TRP A 824 15.33 -8.10 16.96
CA TRP A 824 16.22 -7.76 18.06
C TRP A 824 15.84 -8.41 19.36
N GLN A 825 14.56 -8.35 19.77
CA GLN A 825 14.05 -8.97 20.99
C GLN A 825 14.23 -10.48 20.96
N ASN A 826 13.96 -11.11 19.81
CA ASN A 826 14.06 -12.55 19.65
C ASN A 826 15.51 -13.05 19.54
N GLN A 827 16.47 -12.10 19.47
CA GLN A 827 17.90 -12.37 19.47
C GLN A 827 18.51 -11.92 20.81
N GLY A 828 17.63 -11.44 21.71
CA GLY A 828 18.00 -11.03 23.06
C GLY A 828 18.41 -9.59 23.28
N LEU A 829 18.06 -8.67 22.35
CA LEU A 829 18.42 -7.24 22.52
C LEU A 829 17.20 -6.41 22.85
N ASP A 830 17.21 -5.76 24.01
CA ASP A 830 16.13 -4.89 24.41
C ASP A 830 16.38 -3.46 23.95
N LEU A 831 16.26 -3.22 22.64
CA LEU A 831 16.40 -1.87 22.14
C LEU A 831 14.96 -1.41 22.04
N ARG A 832 14.47 -0.67 23.04
CA ARG A 832 13.06 -0.27 23.06
C ARG A 832 12.76 0.81 22.04
N MET A 833 12.17 0.41 20.91
CA MET A 833 11.85 1.30 19.79
C MET A 833 10.54 2.09 19.95
N LEU A 834 9.49 1.45 20.52
CA LEU A 834 8.14 2.01 20.71
C LEU A 834 7.56 2.45 19.32
N PRO A 835 7.33 1.49 18.37
CA PRO A 835 6.81 1.92 17.06
C PRO A 835 5.31 2.20 17.20
N TYR A 836 4.99 3.50 17.22
CA TYR A 836 3.61 3.96 17.33
C TYR A 836 2.88 3.67 16.03
N GLY A 837 1.57 3.60 16.13
CA GLY A 837 0.70 3.32 15.01
C GLY A 837 0.65 4.42 13.99
N CYS A 838 0.67 3.99 12.75
CA CYS A 838 0.51 4.80 11.57
C CYS A 838 -0.28 4.00 10.56
N LEU A 839 -1.35 4.61 10.02
CA LEU A 839 -2.19 3.97 9.02
C LEU A 839 -2.73 4.94 7.97
N SER A 840 -2.43 4.65 6.71
CA SER A 840 -2.97 5.36 5.56
C SER A 840 -4.43 4.84 5.37
N ILE A 841 -5.41 5.76 5.31
CA ILE A 841 -6.83 5.39 5.18
C ILE A 841 -7.46 5.86 3.85
N GLY A 842 -6.75 6.67 3.10
CA GLY A 842 -7.25 7.13 1.81
C GLY A 842 -6.20 7.82 1.00
N ASP A 843 -6.61 8.62 0.00
CA ASP A 843 -5.70 9.39 -0.86
C ASP A 843 -5.20 10.56 0.00
N CYS A 844 -3.94 10.50 0.45
CA CYS A 844 -3.29 11.47 1.34
C CYS A 844 -4.15 11.77 2.59
N VAL A 845 -4.65 10.70 3.23
CA VAL A 845 -5.45 10.74 4.45
C VAL A 845 -4.89 9.61 5.30
N GLY A 846 -4.66 9.90 6.58
CA GLY A 846 -4.10 8.93 7.50
C GLY A 846 -4.19 9.32 8.96
N LEU A 847 -3.86 8.33 9.80
CA LEU A 847 -3.89 8.40 11.25
C LEU A 847 -2.56 7.97 11.79
N ILE A 848 -2.08 8.72 12.77
CA ILE A 848 -0.83 8.48 13.49
C ILE A 848 -1.24 8.53 14.96
N GLU A 849 -0.86 7.50 15.71
CA GLU A 849 -1.07 7.38 17.15
C GLU A 849 -0.17 8.42 17.87
N TRP A 850 -0.77 9.24 18.72
CA TRP A 850 -0.07 10.27 19.48
C TRP A 850 0.58 9.69 20.72
N VAL A 851 1.93 9.75 20.76
CA VAL A 851 2.75 9.28 21.87
C VAL A 851 2.69 10.33 22.98
N ARG A 852 2.28 9.88 24.19
CA ARG A 852 2.11 10.73 25.37
C ARG A 852 3.43 11.13 26.00
N ASN A 853 3.48 12.38 26.50
CA ASN A 853 4.61 12.98 27.22
C ASN A 853 5.89 12.97 26.41
N SER A 854 5.77 13.22 25.11
CA SER A 854 6.87 13.27 24.17
C SER A 854 7.11 14.73 23.85
N HIS A 855 8.37 15.12 23.71
CA HIS A 855 8.76 16.51 23.40
C HIS A 855 9.91 16.47 22.43
N THR A 856 9.88 17.31 21.40
CA THR A 856 10.99 17.34 20.43
C THR A 856 12.19 17.91 21.16
N ILE A 857 13.40 17.43 20.83
CA ILE A 857 14.64 17.95 21.42
C ILE A 857 14.69 19.51 21.40
N MET A 858 14.13 20.15 20.34
CA MET A 858 14.09 21.60 20.23
C MET A 858 13.17 22.26 21.25
N GLN A 859 12.06 21.58 21.63
CA GLN A 859 11.11 22.08 22.63
C GLN A 859 11.84 22.20 23.97
N ILE A 860 12.54 21.10 24.37
CA ILE A 860 13.33 21.00 25.59
C ILE A 860 14.40 22.11 25.61
N GLN A 861 15.23 22.18 24.57
CA GLN A 861 16.29 23.18 24.40
C GLN A 861 15.74 24.61 24.42
N CYS A 862 14.59 24.87 23.75
CA CYS A 862 13.94 26.20 23.70
C CYS A 862 13.67 26.76 25.09
N LYS A 863 13.08 25.94 26.00
CA LYS A 863 12.86 26.37 27.38
C LYS A 863 14.05 26.02 28.28
N PHE A 872 20.25 28.47 26.45
CA PHE A 872 20.48 27.05 26.69
C PHE A 872 21.90 26.60 26.30
N ASN A 873 22.40 25.54 26.98
CA ASN A 873 23.71 24.92 26.69
C ASN A 873 23.54 23.49 26.11
N SER A 874 24.60 22.67 26.13
CA SER A 874 24.55 21.32 25.59
C SER A 874 24.09 20.28 26.61
N HIS A 875 24.13 20.64 27.90
CA HIS A 875 23.73 19.76 28.99
C HIS A 875 22.24 19.92 29.28
N THR A 876 21.59 20.92 28.64
CA THR A 876 20.16 21.25 28.77
C THR A 876 19.27 20.00 28.71
N LEU A 877 19.53 19.10 27.71
CA LEU A 877 18.81 17.83 27.51
C LEU A 877 18.98 16.91 28.72
N HIS A 878 20.24 16.71 29.15
CA HIS A 878 20.54 15.88 30.31
C HIS A 878 19.87 16.43 31.56
N GLN A 879 19.88 17.77 31.71
CA GLN A 879 19.26 18.46 32.85
C GLN A 879 17.76 18.18 32.87
N TRP A 880 17.07 18.39 31.71
CA TRP A 880 15.65 18.11 31.53
C TRP A 880 15.34 16.67 31.97
N LEU A 881 16.17 15.71 31.55
CA LEU A 881 16.00 14.30 31.87
C LEU A 881 16.22 13.99 33.33
N LYS A 882 17.18 14.72 33.98
CA LYS A 882 17.49 14.57 35.40
C LYS A 882 16.29 15.07 36.23
N ASP A 883 15.75 16.24 35.87
CA ASP A 883 14.59 16.87 36.50
C ASP A 883 13.35 15.99 36.45
N LYS A 884 13.16 15.24 35.35
CA LYS A 884 11.97 14.40 35.14
C LYS A 884 12.14 12.99 35.70
N ASN A 885 13.41 12.61 36.04
CA ASN A 885 13.78 11.31 36.61
C ASN A 885 14.79 11.43 37.75
N LYS A 886 14.41 12.19 38.80
CA LYS A 886 15.21 12.39 40.01
C LYS A 886 15.13 11.14 40.90
N GLY A 887 16.21 10.87 41.64
CA GLY A 887 16.28 9.73 42.53
C GLY A 887 16.67 8.42 41.88
N GLU A 888 16.07 7.32 42.36
CA GLU A 888 16.33 5.93 41.94
C GLU A 888 16.14 5.68 40.44
N ILE A 889 15.04 6.24 39.89
CA ILE A 889 14.56 6.09 38.51
C ILE A 889 15.42 6.78 37.43
N TYR A 890 16.60 7.31 37.81
CA TYR A 890 17.51 7.98 36.87
C TYR A 890 18.23 6.97 35.98
N ASP A 891 18.79 5.90 36.57
CA ASP A 891 19.55 4.86 35.86
C ASP A 891 18.76 4.32 34.67
N ALA A 892 17.51 3.87 34.93
CA ALA A 892 16.56 3.33 33.95
C ALA A 892 16.21 4.31 32.82
N ALA A 893 16.09 5.62 33.13
CA ALA A 893 15.83 6.66 32.14
C ALA A 893 17.01 6.85 31.18
N ILE A 894 18.26 6.83 31.71
CA ILE A 894 19.50 6.89 30.93
C ILE A 894 19.63 5.59 30.13
N ASP A 895 19.22 4.46 30.74
CA ASP A 895 19.26 3.12 30.14
C ASP A 895 18.36 3.08 28.90
N LEU A 896 17.13 3.59 29.07
CA LEU A 896 16.06 3.63 28.06
C LEU A 896 16.44 4.52 26.89
N PHE A 897 16.94 5.71 27.20
CA PHE A 897 17.38 6.67 26.21
C PHE A 897 18.51 6.11 25.33
N THR A 898 19.44 5.34 25.93
CA THR A 898 20.62 4.74 25.28
C THR A 898 20.24 3.60 24.35
N ARG A 899 19.37 2.69 24.81
CA ARG A 899 18.91 1.54 24.01
C ARG A 899 18.08 1.99 22.80
N SER A 900 17.08 2.88 23.02
CA SER A 900 16.23 3.47 21.98
C SER A 900 17.08 4.27 20.98
N CYS A 901 18.14 4.90 21.48
CA CYS A 901 19.15 5.67 20.75
C CYS A 901 19.96 4.74 19.86
N ALA A 902 20.32 3.53 20.35
CA ALA A 902 21.08 2.54 19.58
C ALA A 902 20.22 1.95 18.49
N GLY A 903 18.98 1.64 18.82
CA GLY A 903 18.00 1.09 17.89
C GLY A 903 17.78 2.00 16.70
N TYR A 904 17.63 3.31 16.96
CA TYR A 904 17.41 4.33 15.94
C TYR A 904 18.64 4.65 15.11
N CYS A 905 19.87 4.55 15.67
CA CYS A 905 21.13 4.75 14.93
C CYS A 905 21.23 3.71 13.81
N VAL A 906 20.99 2.44 14.15
CA VAL A 906 21.06 1.30 13.28
C VAL A 906 19.94 1.36 12.21
N ALA A 907 18.68 1.43 12.65
CA ALA A 907 17.51 1.49 11.79
C ALA A 907 17.61 2.62 10.76
N THR A 908 17.95 3.88 11.19
CA THR A 908 18.02 5.00 10.27
C THR A 908 19.23 4.87 9.32
N PHE A 909 20.34 4.33 9.80
CA PHE A 909 21.50 4.07 8.94
C PHE A 909 21.11 3.03 7.86
N ILE A 910 20.52 1.90 8.25
CA ILE A 910 20.16 0.86 7.28
C ILE A 910 19.21 1.35 6.21
N LEU A 911 18.15 2.02 6.65
CA LEU A 911 17.08 2.47 5.77
C LEU A 911 17.40 3.70 5.00
N GLY A 912 18.32 4.51 5.53
CA GLY A 912 18.72 5.77 4.92
C GLY A 912 17.57 6.75 4.87
N ILE A 913 16.86 6.92 6.02
CA ILE A 913 15.73 7.82 6.15
C ILE A 913 16.19 9.29 6.08
N GLY A 914 15.24 10.22 6.03
CA GLY A 914 15.58 11.64 5.99
C GLY A 914 16.33 12.10 7.23
N ASP A 915 17.41 12.92 7.03
CA ASP A 915 18.28 13.46 8.08
C ASP A 915 17.53 13.93 9.30
N ARG A 916 18.08 13.55 10.45
CA ARG A 916 17.55 13.85 11.78
C ARG A 916 18.06 15.19 12.29
N HIS A 917 17.22 15.84 13.10
CA HIS A 917 17.44 17.14 13.75
C HIS A 917 16.58 17.22 15.00
N ASN A 918 16.74 18.31 15.77
CA ASN A 918 16.07 18.56 17.06
C ASN A 918 14.52 18.69 16.95
N SER A 919 13.96 18.77 15.71
CA SER A 919 12.51 18.84 15.50
C SER A 919 11.84 17.54 15.07
N ASN A 920 12.58 16.58 14.46
CA ASN A 920 12.02 15.27 14.04
C ASN A 920 12.43 14.11 15.00
N ILE A 921 13.12 14.45 16.12
CA ILE A 921 13.52 13.55 17.22
C ILE A 921 12.82 14.08 18.46
N MET A 922 12.10 13.20 19.15
CA MET A 922 11.33 13.50 20.35
C MET A 922 11.79 12.58 21.45
N VAL A 923 11.62 13.02 22.70
CA VAL A 923 11.95 12.20 23.85
C VAL A 923 10.79 12.21 24.83
N LYS A 924 10.54 11.05 25.41
CA LYS A 924 9.52 10.87 26.41
C LYS A 924 10.11 11.27 27.76
N ASP A 925 9.24 11.55 28.74
CA ASP A 925 9.64 11.91 30.09
C ASP A 925 10.54 10.82 30.70
N ASP A 926 10.22 9.51 30.48
CA ASP A 926 10.91 8.32 30.98
C ASP A 926 12.25 7.94 30.23
N GLY A 927 12.67 8.76 29.26
CA GLY A 927 13.89 8.54 28.51
C GLY A 927 13.74 8.06 27.08
N GLN A 928 12.68 7.25 26.81
CA GLN A 928 12.31 6.67 25.52
C GLN A 928 12.33 7.68 24.37
N LEU A 929 13.21 7.45 23.38
CA LEU A 929 13.32 8.30 22.18
C LEU A 929 12.29 7.87 21.15
N VAL A 930 11.70 8.86 20.44
CA VAL A 930 10.67 8.69 19.42
C VAL A 930 11.04 9.51 18.20
N HIS A 931 11.18 8.87 17.03
CA HIS A 931 11.44 9.58 15.77
C HIS A 931 10.12 9.72 15.04
N ILE A 932 9.92 10.88 14.46
CA ILE A 932 8.69 11.23 13.77
C ILE A 932 9.08 11.76 12.39
N ASP A 933 8.13 11.85 11.44
CA ASP A 933 8.34 12.44 10.11
C ASP A 933 9.63 11.98 9.43
N PHE A 934 9.62 10.73 8.97
CA PHE A 934 10.76 10.06 8.35
C PHE A 934 11.09 10.54 6.96
N GLY A 935 10.05 10.98 6.24
CA GLY A 935 10.14 11.48 4.89
C GLY A 935 10.60 10.39 3.96
N HIS A 936 11.56 10.74 3.12
CA HIS A 936 12.11 9.78 2.18
C HIS A 936 13.09 8.80 2.83
N PHE A 937 13.37 7.72 2.12
CA PHE A 937 14.31 6.69 2.53
C PHE A 937 15.14 6.24 1.31
N LEU A 938 16.00 5.23 1.52
CA LEU A 938 16.88 4.65 0.49
C LEU A 938 17.76 5.75 -0.15
N ASP A 939 17.94 5.79 -1.49
CA ASP A 939 18.78 6.88 -1.98
C ASP A 939 17.95 7.93 -2.78
N HIS A 940 17.16 8.70 -2.03
CA HIS A 940 16.35 9.80 -2.54
C HIS A 940 17.26 10.94 -3.02
N LYS A 941 18.35 11.19 -2.26
CA LYS A 941 19.36 12.23 -2.49
C LYS A 941 20.25 12.02 -3.71
N LYS A 942 20.58 10.75 -4.06
CA LYS A 942 21.42 10.38 -5.21
C LYS A 942 20.91 10.96 -6.54
N LYS A 943 19.58 10.98 -6.73
CA LYS A 943 18.98 11.54 -7.95
C LYS A 943 19.03 13.08 -7.92
N LYS A 944 18.85 13.69 -6.73
CA LYS A 944 18.81 15.14 -6.54
C LYS A 944 20.18 15.82 -6.58
N PHE A 945 21.22 15.24 -5.94
CA PHE A 945 22.54 15.88 -5.90
C PHE A 945 23.67 15.07 -6.54
N GLY A 946 23.39 13.83 -6.93
CA GLY A 946 24.34 12.96 -7.61
C GLY A 946 25.50 12.44 -6.81
N TYR A 947 25.72 12.99 -5.59
CA TYR A 947 26.79 12.61 -4.67
C TYR A 947 26.55 11.14 -4.26
N LYS A 948 27.40 10.21 -4.77
CA LYS A 948 27.26 8.77 -4.53
C LYS A 948 27.96 8.29 -3.24
N ARG A 949 27.13 7.98 -2.20
CA ARG A 949 27.56 7.50 -0.87
C ARG A 949 26.36 7.07 0.01
N GLU A 950 26.65 6.50 1.20
CA GLU A 950 25.65 6.14 2.22
C GLU A 950 25.79 7.18 3.31
N ARG A 951 24.67 7.70 3.77
CA ARG A 951 24.60 8.76 4.74
C ARG A 951 24.35 8.17 6.09
N VAL A 952 24.59 8.96 7.15
CA VAL A 952 24.30 8.63 8.56
C VAL A 952 23.22 9.62 9.01
N PRO A 953 21.92 9.29 8.76
CA PRO A 953 20.84 10.26 9.09
C PRO A 953 20.86 10.72 10.53
N PHE A 954 21.29 9.83 11.44
CA PHE A 954 21.32 10.04 12.87
C PHE A 954 22.76 10.07 13.44
N VAL A 955 23.36 11.28 13.37
CA VAL A 955 24.66 11.68 13.90
C VAL A 955 24.39 12.18 15.30
N LEU A 956 24.88 11.43 16.29
CA LEU A 956 24.77 11.74 17.72
C LEU A 956 25.49 13.03 18.10
N THR A 957 24.72 14.03 18.54
CA THR A 957 25.25 15.33 18.96
C THR A 957 25.89 15.19 20.34
N GLN A 958 26.69 16.20 20.77
CA GLN A 958 27.29 16.27 22.10
C GLN A 958 26.15 16.13 23.13
N ASP A 959 25.01 16.87 22.93
CA ASP A 959 23.77 16.82 23.74
C ASP A 959 23.33 15.39 24.03
N PHE A 960 23.42 14.51 23.00
CA PHE A 960 23.07 13.09 23.04
C PHE A 960 24.13 12.25 23.76
N LEU A 961 25.42 12.61 23.54
CA LEU A 961 26.59 11.94 24.14
C LEU A 961 26.67 12.21 25.65
N ILE A 962 26.41 13.47 26.06
CA ILE A 962 26.37 13.93 27.45
C ILE A 962 25.35 13.10 28.21
N VAL A 963 24.17 12.80 27.57
CA VAL A 963 23.11 11.97 28.15
C VAL A 963 23.60 10.56 28.33
N ILE A 964 24.11 9.93 27.26
CA ILE A 964 24.62 8.55 27.33
C ILE A 964 25.76 8.43 28.38
N SER A 965 26.68 9.41 28.44
CA SER A 965 27.78 9.39 29.41
C SER A 965 27.44 9.86 30.85
N LYS A 966 26.13 10.09 31.15
CA LYS A 966 25.61 10.47 32.48
C LYS A 966 26.21 11.79 33.00
N GLY A 967 26.57 12.67 32.06
CA GLY A 967 27.12 13.99 32.34
C GLY A 967 28.63 14.09 32.27
N ALA A 968 29.32 12.98 31.97
CA ALA A 968 30.79 12.91 31.90
C ALA A 968 31.43 13.89 30.92
N GLN A 969 32.73 14.16 31.14
CA GLN A 969 33.61 14.94 30.27
C GLN A 969 34.28 13.86 29.44
N GLU A 970 34.53 14.13 28.13
CA GLU A 970 35.17 13.17 27.19
C GLU A 970 34.29 11.89 27.16
N CYS A 971 33.07 12.08 26.61
CA CYS A 971 31.96 11.14 26.54
C CYS A 971 32.26 9.81 25.86
N THR A 972 33.07 9.80 24.79
CA THR A 972 33.36 8.58 24.03
C THR A 972 34.24 7.56 24.77
N LYS A 973 34.93 7.98 25.85
CA LYS A 973 35.84 7.16 26.65
C LYS A 973 35.14 6.25 27.65
N THR A 974 33.97 6.69 28.13
CA THR A 974 33.16 6.04 29.16
C THR A 974 32.76 4.60 28.86
N ARG A 975 32.40 3.85 29.91
CA ARG A 975 31.93 2.48 29.76
C ARG A 975 30.47 2.49 29.22
N GLU A 976 29.75 3.63 29.42
CA GLU A 976 28.39 3.89 28.94
C GLU A 976 28.39 3.92 27.40
N PHE A 977 29.31 4.70 26.79
CA PHE A 977 29.49 4.81 25.35
C PHE A 977 29.96 3.51 24.72
N GLU A 978 30.76 2.73 25.46
CA GLU A 978 31.26 1.45 24.98
C GLU A 978 30.18 0.40 24.97
N ARG A 979 29.23 0.51 25.92
CA ARG A 979 28.09 -0.41 26.01
C ARG A 979 27.13 -0.09 24.84
N PHE A 980 26.90 1.23 24.59
CA PHE A 980 26.07 1.76 23.53
C PHE A 980 26.58 1.32 22.15
N GLN A 981 27.91 1.40 21.91
CA GLN A 981 28.57 0.97 20.68
C GLN A 981 28.32 -0.52 20.42
N GLU A 982 28.41 -1.33 21.47
CA GLU A 982 28.19 -2.78 21.41
C GLU A 982 26.76 -3.08 20.99
N MET A 983 25.79 -2.34 21.59
CA MET A 983 24.36 -2.46 21.28
C MET A 983 24.10 -2.26 19.76
N CYS A 984 24.72 -1.21 19.15
CA CYS A 984 24.71 -0.84 17.73
C CYS A 984 25.25 -1.95 16.88
N TYR A 985 26.46 -2.45 17.21
CA TYR A 985 27.11 -3.55 16.48
C TYR A 985 26.24 -4.78 16.43
N LYS A 986 25.65 -5.17 17.59
CA LYS A 986 24.78 -6.35 17.73
C LYS A 986 23.50 -6.19 16.91
N ALA A 987 22.89 -4.99 16.97
CA ALA A 987 21.67 -4.63 16.24
C ALA A 987 21.87 -4.69 14.74
N TYR A 988 22.99 -4.13 14.26
CA TYR A 988 23.36 -4.12 12.85
C TYR A 988 23.51 -5.54 12.30
N LEU A 989 24.30 -6.39 12.99
CA LEU A 989 24.49 -7.78 12.57
C LEU A 989 23.23 -8.62 12.62
N ALA A 990 22.32 -8.35 13.61
CA ALA A 990 21.04 -9.07 13.73
C ALA A 990 20.19 -8.86 12.51
N ILE A 991 20.16 -7.62 11.97
CA ILE A 991 19.39 -7.25 10.76
C ILE A 991 20.07 -7.79 9.52
N ARG A 992 21.43 -7.68 9.45
CA ARG A 992 22.22 -8.19 8.34
C ARG A 992 21.97 -9.70 8.15
N GLN A 993 21.78 -10.43 9.29
CA GLN A 993 21.51 -11.86 9.33
C GLN A 993 20.13 -12.21 8.81
N HIS A 994 19.23 -11.22 8.77
CA HIS A 994 17.85 -11.31 8.30
C HIS A 994 17.64 -10.52 7.04
N ALA A 995 18.74 -10.25 6.30
CA ALA A 995 18.73 -9.43 5.07
C ALA A 995 17.69 -9.83 4.05
N ASN A 996 17.54 -11.14 3.82
CA ASN A 996 16.61 -11.73 2.86
C ASN A 996 15.17 -11.26 3.11
N LEU A 997 14.74 -11.26 4.40
CA LEU A 997 13.43 -10.77 4.81
C LEU A 997 13.26 -9.32 4.37
N PHE A 998 14.16 -8.41 4.78
CA PHE A 998 14.08 -7.00 4.41
C PHE A 998 14.10 -6.78 2.91
N ILE A 999 15.01 -7.47 2.17
CA ILE A 999 15.06 -7.33 0.71
C ILE A 999 13.72 -7.76 0.11
N ASN A 1000 13.12 -8.85 0.65
CA ASN A 1000 11.82 -9.36 0.19
C ASN A 1000 10.71 -8.41 0.48
N LEU A 1001 10.58 -7.97 1.74
CA LEU A 1001 9.56 -6.98 2.12
C LEU A 1001 9.56 -5.74 1.23
N PHE A 1002 10.76 -5.17 0.93
CA PHE A 1002 10.91 -4.03 0.02
C PHE A 1002 10.57 -4.40 -1.43
N SER A 1003 10.97 -5.62 -1.89
CA SER A 1003 10.69 -6.13 -3.25
C SER A 1003 9.20 -6.27 -3.53
N MET A 1004 8.42 -6.58 -2.48
CA MET A 1004 6.97 -6.75 -2.57
C MET A 1004 6.22 -5.41 -2.65
N MET A 1005 6.96 -4.27 -2.67
CA MET A 1005 6.40 -2.92 -2.72
C MET A 1005 6.70 -2.15 -4.00
N LEU A 1006 7.43 -2.72 -4.97
CA LEU A 1006 7.84 -2.00 -6.21
C LEU A 1006 6.69 -1.38 -7.05
N GLY A 1007 5.49 -1.94 -6.90
CA GLY A 1007 4.32 -1.42 -7.60
C GLY A 1007 3.33 -0.72 -6.69
N SER A 1008 3.84 0.04 -5.68
CA SER A 1008 3.00 0.73 -4.71
C SER A 1008 2.75 2.17 -5.11
N GLY A 1009 3.81 2.93 -5.36
CA GLY A 1009 3.71 4.32 -5.79
C GLY A 1009 4.83 5.24 -5.34
N MET A 1010 5.73 4.76 -4.49
CA MET A 1010 6.82 5.56 -3.96
C MET A 1010 7.93 5.69 -5.00
N PRO A 1011 8.42 6.92 -5.35
CA PRO A 1011 9.46 7.02 -6.40
C PRO A 1011 10.86 6.50 -6.01
N GLU A 1012 11.15 6.26 -4.71
CA GLU A 1012 12.46 5.67 -4.31
C GLU A 1012 12.33 4.14 -4.21
N LEU A 1013 11.08 3.63 -4.37
CA LEU A 1013 10.75 2.21 -4.38
C LEU A 1013 9.98 1.86 -5.67
N GLN A 1014 10.67 2.07 -6.83
CA GLN A 1014 10.16 1.83 -8.18
C GLN A 1014 10.88 0.67 -8.87
N SER A 1015 12.18 0.47 -8.61
CA SER A 1015 12.94 -0.60 -9.25
C SER A 1015 13.71 -1.43 -8.25
N PHE A 1016 14.34 -2.51 -8.72
CA PHE A 1016 15.18 -3.37 -7.90
C PHE A 1016 16.47 -2.65 -7.58
N ASP A 1017 16.91 -1.80 -8.53
CA ASP A 1017 18.11 -0.97 -8.43
C ASP A 1017 17.92 0.11 -7.36
N ASP A 1018 16.69 0.23 -6.83
CA ASP A 1018 16.36 1.16 -5.72
C ASP A 1018 16.55 0.48 -4.36
N ILE A 1019 16.36 -0.85 -4.29
CA ILE A 1019 16.56 -1.68 -3.09
C ILE A 1019 18.07 -1.87 -2.85
N ALA A 1020 18.91 -1.66 -3.91
CA ALA A 1020 20.38 -1.73 -3.89
C ALA A 1020 21.00 -1.01 -2.69
N TYR A 1021 20.39 0.10 -2.25
CA TYR A 1021 20.83 0.87 -1.09
C TYR A 1021 20.99 0.00 0.16
N ILE A 1022 19.95 -0.80 0.49
CA ILE A 1022 19.89 -1.73 1.62
C ILE A 1022 21.03 -2.76 1.47
N ARG A 1023 21.37 -3.10 0.22
CA ARG A 1023 22.46 -4.03 -0.06
C ARG A 1023 23.81 -3.40 0.25
N LYS A 1024 23.96 -2.05 0.12
CA LYS A 1024 25.18 -1.31 0.47
C LYS A 1024 25.23 -1.09 1.98
N THR A 1025 24.16 -0.54 2.59
CA THR A 1025 24.17 -0.28 4.02
C THR A 1025 24.36 -1.54 4.85
N LEU A 1026 23.84 -2.69 4.39
CA LEU A 1026 23.98 -3.98 5.07
C LEU A 1026 25.20 -4.73 4.59
N ALA A 1027 25.98 -4.13 3.65
CA ALA A 1027 27.22 -4.65 3.10
C ALA A 1027 27.15 -6.17 2.78
N LEU A 1028 26.08 -6.59 2.10
CA LEU A 1028 25.80 -8.00 1.74
C LEU A 1028 26.84 -8.67 0.83
N ASP A 1029 27.51 -7.89 -0.04
CA ASP A 1029 28.56 -8.42 -0.90
C ASP A 1029 29.93 -8.55 -0.17
N LYS A 1030 29.91 -8.57 1.17
CA LYS A 1030 31.11 -8.64 2.02
C LYS A 1030 30.93 -9.71 3.09
N THR A 1031 31.93 -9.87 3.97
CA THR A 1031 31.88 -10.81 5.08
C THR A 1031 31.28 -10.09 6.29
N GLU A 1032 30.80 -10.86 7.29
CA GLU A 1032 30.23 -10.32 8.54
C GLU A 1032 31.21 -9.39 9.26
N GLN A 1033 32.53 -9.71 9.19
CA GLN A 1033 33.60 -8.90 9.78
C GLN A 1033 33.82 -7.63 8.99
N GLU A 1034 33.89 -7.70 7.64
CA GLU A 1034 34.13 -6.52 6.76
C GLU A 1034 32.94 -5.55 6.84
N ALA A 1035 31.71 -6.13 6.92
CA ALA A 1035 30.43 -5.43 7.07
C ALA A 1035 30.42 -4.65 8.40
N LEU A 1036 30.92 -5.27 9.49
CA LEU A 1036 31.00 -4.61 10.78
C LEU A 1036 32.04 -3.49 10.76
N GLU A 1037 33.15 -3.68 10.03
CA GLU A 1037 34.21 -2.68 9.85
C GLU A 1037 33.65 -1.46 9.07
N TYR A 1038 32.82 -1.72 8.01
CA TYR A 1038 32.14 -0.73 7.18
C TYR A 1038 31.14 0.09 8.02
N PHE A 1039 30.29 -0.56 8.84
CA PHE A 1039 29.37 0.17 9.73
C PHE A 1039 30.10 1.10 10.70
N MET A 1040 31.28 0.65 11.17
CA MET A 1040 32.13 1.33 12.12
C MET A 1040 32.80 2.54 11.52
N LYS A 1041 33.31 2.39 10.27
CA LYS A 1041 33.95 3.47 9.54
C LYS A 1041 32.94 4.59 9.26
N GLN A 1042 31.70 4.21 8.87
CA GLN A 1042 30.60 5.13 8.57
C GLN A 1042 30.26 5.97 9.78
N MET A 1043 30.18 5.35 10.99
CA MET A 1043 29.95 6.04 12.27
C MET A 1043 31.14 6.92 12.61
N ASN A 1044 32.38 6.40 12.43
CA ASN A 1044 33.61 7.19 12.65
C ASN A 1044 33.65 8.44 11.80
N ASP A 1045 33.53 8.31 10.46
CA ASP A 1045 33.51 9.43 9.51
C ASP A 1045 32.40 10.47 9.82
N ALA A 1046 31.23 9.98 10.29
CA ALA A 1046 30.09 10.83 10.62
C ALA A 1046 30.27 11.57 11.92
N HIS A 1047 30.83 10.90 12.94
CA HIS A 1047 31.00 11.48 14.26
C HIS A 1047 32.38 12.09 14.52
N HIS A 1048 33.30 11.95 13.56
CA HIS A 1048 34.70 12.43 13.61
C HIS A 1048 35.47 11.75 14.76
N GLY A 1049 35.51 10.42 14.71
CA GLY A 1049 36.15 9.58 15.71
C GLY A 1049 35.22 9.19 16.85
N GLY A 1050 35.73 8.37 17.76
CA GLY A 1050 35.00 7.92 18.94
C GLY A 1050 34.56 6.47 18.88
N TRP A 1051 34.47 5.89 17.70
CA TRP A 1051 33.99 4.54 17.52
C TRP A 1051 35.11 3.54 17.41
N THR A 1052 35.33 2.80 18.51
CA THR A 1052 36.37 1.78 18.67
C THR A 1052 35.76 0.39 18.73
N THR A 1053 36.62 -0.64 18.96
CA THR A 1053 36.18 -2.02 19.07
C THR A 1053 37.20 -2.87 19.85
N LYS A 1054 36.95 -4.19 19.90
CA LYS A 1054 37.80 -5.21 20.49
C LYS A 1054 37.91 -6.25 19.37
N MET A 1055 39.09 -6.36 18.71
CA MET A 1055 39.30 -7.27 17.56
C MET A 1055 38.83 -8.71 17.85
N ASP A 1056 39.18 -9.23 19.06
CA ASP A 1056 38.76 -10.51 19.60
C ASP A 1056 38.44 -10.32 21.10
N TRP A 1057 39.03 -9.27 21.73
CA TRP A 1057 38.91 -8.85 23.14
C TRP A 1057 39.80 -9.66 24.09
N MET B 26 47.96 -3.78 -25.93
CA MET B 26 47.15 -4.49 -24.95
C MET B 26 47.52 -4.07 -23.52
N SER B 27 47.24 -2.79 -23.17
CA SER B 27 47.53 -2.18 -21.86
C SER B 27 46.78 -2.83 -20.68
N LEU B 28 45.48 -3.18 -20.90
CA LEU B 28 44.54 -3.87 -19.99
C LEU B 28 44.02 -2.99 -18.82
N GLN B 29 44.53 -1.77 -18.67
CA GLN B 29 44.12 -0.80 -17.64
C GLN B 29 43.55 0.43 -18.35
N ASP B 30 44.23 0.84 -19.44
CA ASP B 30 43.87 1.98 -20.29
C ASP B 30 42.83 1.61 -21.37
N ALA B 31 42.41 0.31 -21.41
CA ALA B 31 41.39 -0.24 -22.32
C ALA B 31 40.05 0.51 -22.18
N GLU B 32 39.36 0.71 -23.33
CA GLU B 32 38.11 1.47 -23.41
C GLU B 32 36.91 0.78 -22.77
N TRP B 33 36.79 -0.56 -22.91
CA TRP B 33 35.68 -1.32 -22.34
C TRP B 33 35.87 -1.68 -20.85
N TYR B 34 37.08 -1.45 -20.28
CA TYR B 34 37.34 -1.73 -18.88
C TYR B 34 37.02 -0.49 -18.07
N TRP B 35 36.06 -0.63 -17.15
CA TRP B 35 35.56 0.46 -16.31
C TRP B 35 35.94 0.32 -14.84
N GLY B 36 36.50 -0.83 -14.48
CA GLY B 36 36.97 -1.14 -13.13
C GLY B 36 35.94 -1.06 -12.04
N ASP B 37 36.15 -0.13 -11.09
CA ASP B 37 35.28 0.06 -9.93
C ASP B 37 34.03 0.89 -10.23
N ILE B 38 32.99 0.23 -10.80
CA ILE B 38 31.64 0.74 -11.09
C ILE B 38 30.65 -0.40 -10.79
N SER B 39 29.54 -0.08 -10.12
CA SER B 39 28.54 -1.06 -9.72
C SER B 39 27.66 -1.56 -10.85
N ARG B 40 27.05 -2.75 -10.65
CA ARG B 40 26.10 -3.46 -11.52
C ARG B 40 25.00 -2.53 -12.05
N GLU B 41 24.55 -1.60 -11.20
CA GLU B 41 23.51 -0.62 -11.45
C GLU B 41 23.97 0.43 -12.46
N GLU B 42 25.26 0.81 -12.39
CA GLU B 42 25.88 1.78 -13.31
C GLU B 42 26.03 1.11 -14.66
N VAL B 43 26.36 -0.21 -14.66
CA VAL B 43 26.45 -1.06 -15.86
C VAL B 43 25.05 -1.17 -16.49
N ASN B 44 24.00 -1.49 -15.69
CA ASN B 44 22.61 -1.59 -16.17
C ASN B 44 22.15 -0.32 -16.87
N GLU B 45 22.61 0.85 -16.37
CA GLU B 45 22.29 2.15 -16.96
C GLU B 45 22.96 2.29 -18.33
N LYS B 46 24.20 1.77 -18.46
CA LYS B 46 25.00 1.80 -19.69
C LYS B 46 24.44 0.84 -20.77
N LEU B 47 24.00 -0.36 -20.37
CA LEU B 47 23.46 -1.37 -21.28
C LEU B 47 21.92 -1.26 -21.50
N ARG B 48 21.30 -0.14 -21.07
CA ARG B 48 19.87 0.06 -21.23
C ARG B 48 19.51 0.31 -22.69
N ASP B 49 18.63 -0.56 -23.23
CA ASP B 49 18.08 -0.56 -24.58
C ASP B 49 19.14 -0.75 -25.69
N THR B 50 20.35 -1.22 -25.32
CA THR B 50 21.46 -1.44 -26.24
C THR B 50 21.24 -2.71 -27.09
N ALA B 51 21.91 -2.77 -28.25
CA ALA B 51 21.78 -3.90 -29.17
C ALA B 51 22.56 -5.12 -28.70
N ASP B 52 22.16 -6.32 -29.19
CA ASP B 52 22.82 -7.59 -28.86
C ASP B 52 24.30 -7.51 -29.28
N GLY B 53 25.19 -7.78 -28.34
CA GLY B 53 26.62 -7.74 -28.56
C GLY B 53 27.33 -6.62 -27.82
N THR B 54 26.54 -5.72 -27.17
CA THR B 54 27.09 -4.60 -26.39
C THR B 54 27.63 -5.16 -25.04
N PHE B 55 28.84 -4.73 -24.65
CA PHE B 55 29.55 -5.25 -23.47
C PHE B 55 30.52 -4.29 -22.83
N LEU B 56 30.93 -4.64 -21.59
CA LEU B 56 31.95 -3.98 -20.78
C LEU B 56 32.46 -4.91 -19.65
N VAL B 57 33.73 -4.72 -19.21
CA VAL B 57 34.38 -5.49 -18.14
C VAL B 57 34.63 -4.56 -16.93
N ARG B 58 34.44 -5.11 -15.72
CA ARG B 58 34.60 -4.38 -14.47
C ARG B 58 35.12 -5.31 -13.37
N ASP B 59 35.69 -4.74 -12.28
CA ASP B 59 36.14 -5.52 -11.13
C ASP B 59 34.89 -6.13 -10.48
N ALA B 60 34.96 -7.40 -10.03
CA ALA B 60 33.83 -8.09 -9.39
C ALA B 60 33.33 -7.38 -8.13
N SER B 61 32.05 -7.64 -7.75
CA SER B 61 31.38 -7.04 -6.59
C SER B 61 31.98 -7.49 -5.25
N THR B 62 32.67 -8.65 -5.27
CA THR B 62 33.37 -9.29 -4.14
C THR B 62 34.40 -8.37 -3.46
N GLY B 66 42.13 -8.28 -9.57
CA GLY B 66 41.59 -9.48 -8.95
C GLY B 66 40.64 -10.26 -9.85
N ASP B 67 39.36 -10.37 -9.43
CA ASP B 67 38.30 -11.06 -10.19
C ASP B 67 37.64 -10.05 -11.11
N TYR B 68 37.14 -10.50 -12.29
CA TYR B 68 36.51 -9.57 -13.22
C TYR B 68 35.17 -10.07 -13.77
N THR B 69 34.17 -9.19 -13.80
CA THR B 69 32.83 -9.51 -14.30
C THR B 69 32.59 -8.84 -15.65
N LEU B 70 32.36 -9.67 -16.69
CA LEU B 70 32.03 -9.23 -18.03
C LEU B 70 30.51 -9.25 -18.12
N THR B 71 29.91 -8.15 -18.59
CA THR B 71 28.45 -8.05 -18.72
C THR B 71 28.11 -7.90 -20.20
N LEU B 72 27.38 -8.88 -20.76
CA LEU B 72 27.01 -8.92 -22.17
C LEU B 72 25.51 -8.76 -22.43
N ARG B 73 25.15 -7.85 -23.36
CA ARG B 73 23.77 -7.60 -23.74
C ARG B 73 23.28 -8.64 -24.77
N LYS B 74 22.36 -9.53 -24.32
CA LYS B 74 21.78 -10.58 -25.16
C LYS B 74 20.31 -10.82 -24.80
N GLY B 75 19.43 -10.66 -25.79
CA GLY B 75 17.99 -10.87 -25.69
C GLY B 75 17.29 -9.94 -24.71
N GLY B 76 17.65 -8.65 -24.77
CA GLY B 76 17.11 -7.60 -23.92
C GLY B 76 17.46 -7.73 -22.45
N ASN B 77 18.41 -8.61 -22.15
CA ASN B 77 18.92 -8.94 -20.81
C ASN B 77 20.42 -8.71 -20.75
N ASN B 78 20.92 -8.44 -19.55
CA ASN B 78 22.34 -8.23 -19.29
C ASN B 78 22.88 -9.47 -18.57
N LYS B 79 23.69 -10.27 -19.29
CA LYS B 79 24.25 -11.52 -18.78
C LYS B 79 25.57 -11.30 -18.08
N LEU B 80 25.73 -11.87 -16.90
CA LEU B 80 26.97 -11.70 -16.15
C LEU B 80 27.81 -12.94 -16.39
N ILE B 81 28.98 -12.75 -17.00
CA ILE B 81 29.91 -13.84 -17.29
C ILE B 81 31.19 -13.55 -16.52
N LYS B 82 31.43 -14.35 -15.44
CA LYS B 82 32.58 -14.23 -14.54
C LYS B 82 33.91 -14.66 -15.20
N ILE B 83 34.99 -13.91 -14.92
CA ILE B 83 36.32 -14.19 -15.45
C ILE B 83 37.23 -14.74 -14.33
N PHE B 84 37.61 -16.02 -14.46
CA PHE B 84 38.49 -16.73 -13.52
C PHE B 84 39.96 -16.67 -13.97
N HIS B 85 40.89 -16.75 -12.99
CA HIS B 85 42.34 -16.76 -13.22
C HIS B 85 43.07 -17.57 -12.12
N ARG B 86 44.08 -18.36 -12.53
CA ARG B 86 44.90 -19.21 -11.67
C ARG B 86 46.33 -19.30 -12.22
N ASP B 87 46.50 -18.98 -13.52
CA ASP B 87 47.78 -18.98 -14.25
C ASP B 87 47.80 -17.89 -15.31
N PHE B 92 37.07 -18.33 -16.55
CA PHE B 92 35.93 -18.32 -17.46
C PHE B 92 35.37 -19.73 -17.72
N SER B 93 36.31 -20.69 -17.92
CA SER B 93 36.06 -22.12 -18.22
C SER B 93 36.82 -23.04 -17.25
N ASP B 94 36.58 -24.39 -17.30
CA ASP B 94 37.29 -25.34 -16.43
C ASP B 94 38.84 -25.15 -16.60
N PRO B 95 39.39 -25.19 -17.84
CA PRO B 95 40.82 -24.87 -18.02
C PRO B 95 41.00 -23.44 -18.58
N LEU B 96 41.49 -22.50 -17.73
CA LEU B 96 41.73 -21.12 -18.18
C LEU B 96 42.88 -21.07 -19.19
N THR B 97 42.52 -21.07 -20.48
CA THR B 97 43.46 -21.09 -21.60
C THR B 97 43.88 -19.67 -22.11
N PHE B 98 43.41 -18.58 -21.46
CA PHE B 98 43.77 -17.20 -21.82
C PHE B 98 44.75 -16.58 -20.82
N SER B 99 45.88 -16.05 -21.35
CA SER B 99 46.97 -15.39 -20.63
C SER B 99 46.58 -14.11 -19.86
N SER B 100 45.93 -13.14 -20.55
CA SER B 100 45.44 -11.88 -19.98
C SER B 100 43.99 -11.57 -20.42
N VAL B 101 43.33 -10.61 -19.76
CA VAL B 101 41.92 -10.23 -20.00
C VAL B 101 41.66 -9.80 -21.44
N VAL B 102 42.55 -8.92 -22.00
CA VAL B 102 42.48 -8.39 -23.36
C VAL B 102 42.49 -9.54 -24.37
N GLU B 103 43.28 -10.58 -24.10
CA GLU B 103 43.42 -11.76 -24.97
C GLU B 103 42.12 -12.58 -24.99
N LEU B 104 41.42 -12.64 -23.84
CA LEU B 104 40.13 -13.33 -23.69
C LEU B 104 39.03 -12.51 -24.38
N ILE B 105 38.96 -11.19 -24.09
CA ILE B 105 37.98 -10.28 -24.67
C ILE B 105 38.12 -10.17 -26.20
N ASN B 106 39.36 -9.95 -26.71
CA ASN B 106 39.66 -9.85 -28.15
C ASN B 106 39.39 -11.14 -28.93
N HIS B 107 39.61 -12.32 -28.30
CA HIS B 107 39.35 -13.62 -28.92
C HIS B 107 37.86 -13.76 -29.26
N TYR B 108 37.00 -13.31 -28.34
CA TYR B 108 35.55 -13.34 -28.49
C TYR B 108 35.02 -12.07 -29.19
N ARG B 109 35.89 -11.04 -29.35
CA ARG B 109 35.57 -9.78 -30.02
C ARG B 109 35.64 -9.93 -31.53
N VAL B 122 25.96 -13.74 -30.30
CA VAL B 122 26.68 -14.39 -29.22
C VAL B 122 28.20 -13.94 -29.21
N LYS B 123 28.54 -12.94 -30.07
CA LYS B 123 29.89 -12.39 -30.21
C LYS B 123 30.00 -10.98 -29.62
N LEU B 124 31.09 -10.69 -28.87
CA LEU B 124 31.36 -9.40 -28.22
C LEU B 124 31.59 -8.26 -29.25
N LEU B 125 30.49 -7.74 -29.81
CA LEU B 125 30.44 -6.75 -30.88
C LEU B 125 30.75 -5.30 -30.49
N TYR B 126 29.86 -4.65 -29.71
CA TYR B 126 29.96 -3.23 -29.37
C TYR B 126 30.47 -2.95 -27.95
N PRO B 127 31.76 -2.58 -27.78
CA PRO B 127 32.24 -2.27 -26.43
C PRO B 127 31.83 -0.88 -25.99
N VAL B 128 31.41 -0.75 -24.72
CA VAL B 128 31.04 0.54 -24.14
C VAL B 128 32.36 1.24 -23.83
N SER B 129 32.76 2.21 -24.68
CA SER B 129 34.01 2.96 -24.52
C SER B 129 33.95 3.96 -23.38
N LYS B 130 35.10 4.19 -22.73
CA LYS B 130 35.22 5.15 -21.64
C LYS B 130 35.42 6.57 -22.21
N TYR B 131 34.96 6.80 -23.47
CA TYR B 131 35.09 8.05 -24.23
C TYR B 131 33.75 8.78 -24.48
N GLN B 132 33.32 9.55 -23.48
CA GLN B 132 32.10 10.36 -23.49
C GLN B 132 32.26 11.62 -24.35
N GLN B 133 33.48 12.24 -24.30
CA GLN B 133 33.94 13.44 -25.00
C GLN B 133 33.07 14.67 -24.72
N LYS B 138 35.33 18.95 -21.39
CA LYS B 138 35.51 20.09 -22.28
C LYS B 138 36.57 21.06 -21.76
N GLU B 139 36.55 21.34 -20.44
CA GLU B 139 37.44 22.27 -19.74
C GLU B 139 38.68 21.54 -19.24
N ASP B 140 39.86 22.15 -19.40
CA ASP B 140 41.14 21.55 -19.01
C ASP B 140 41.40 21.51 -17.50
N ASN B 141 41.16 22.65 -16.81
CA ASN B 141 41.41 22.81 -15.37
C ASN B 141 40.26 22.36 -14.43
N ILE B 142 40.35 22.75 -13.16
CA ILE B 142 39.44 22.44 -12.06
C ILE B 142 38.53 23.66 -11.77
N GLU B 143 39.05 24.89 -11.90
CA GLU B 143 38.30 26.12 -11.64
C GLU B 143 37.19 26.33 -12.70
N ALA B 144 37.44 25.83 -13.92
CA ALA B 144 36.50 25.96 -15.04
C ALA B 144 35.40 24.90 -14.98
N VAL B 145 35.77 23.61 -14.68
CA VAL B 145 34.85 22.48 -14.51
C VAL B 145 33.86 22.71 -13.35
N GLY B 146 34.34 23.30 -12.24
CA GLY B 146 33.56 23.63 -11.05
C GLY B 146 32.55 24.71 -11.32
N LYS B 147 32.99 25.79 -12.03
CA LYS B 147 32.15 26.93 -12.44
C LYS B 147 31.04 26.43 -13.39
N LYS B 148 31.36 25.45 -14.25
CA LYS B 148 30.37 24.85 -15.15
C LYS B 148 29.42 23.93 -14.37
N LEU B 149 29.96 23.14 -13.41
CA LEU B 149 29.15 22.24 -12.57
C LEU B 149 28.11 23.04 -11.83
N HIS B 150 28.54 24.13 -11.16
CA HIS B 150 27.67 25.06 -10.43
C HIS B 150 26.64 25.67 -11.36
N GLU B 151 26.99 25.96 -12.62
CA GLU B 151 26.04 26.49 -13.61
C GLU B 151 24.94 25.45 -13.91
N TYR B 152 25.32 24.17 -14.14
CA TYR B 152 24.43 23.07 -14.45
C TYR B 152 23.59 22.61 -13.28
N ASN B 153 24.17 22.64 -12.07
CA ASN B 153 23.46 22.23 -10.86
C ASN B 153 22.38 23.24 -10.54
N THR B 154 22.65 24.51 -10.84
CA THR B 154 21.70 25.62 -10.68
C THR B 154 20.52 25.45 -11.65
N GLN B 155 20.82 25.12 -12.93
CA GLN B 155 19.82 24.91 -13.98
C GLN B 155 18.97 23.69 -13.60
N PHE B 156 19.65 22.60 -13.17
CA PHE B 156 18.98 21.36 -12.76
C PHE B 156 17.96 21.54 -11.62
N GLN B 157 18.26 22.36 -10.61
CA GLN B 157 17.32 22.55 -9.51
C GLN B 157 16.10 23.41 -9.93
N GLU B 158 16.31 24.43 -10.79
CA GLU B 158 15.23 25.29 -11.33
C GLU B 158 14.25 24.50 -12.21
N LYS B 159 14.75 23.61 -13.07
CA LYS B 159 13.95 22.80 -13.98
C LYS B 159 13.19 21.76 -13.17
N SER B 160 13.87 21.19 -12.15
CA SER B 160 13.33 20.17 -11.28
C SER B 160 12.17 20.73 -10.44
N ARG B 161 12.36 21.93 -9.87
CA ARG B 161 11.35 22.66 -9.09
C ARG B 161 10.13 23.01 -9.96
N GLU B 162 10.38 23.30 -11.28
CA GLU B 162 9.34 23.63 -12.26
C GLU B 162 8.55 22.36 -12.66
N TYR B 163 9.26 21.24 -12.83
CA TYR B 163 8.67 19.94 -13.16
C TYR B 163 7.72 19.48 -12.06
N ASP B 164 8.20 19.59 -10.79
CA ASP B 164 7.45 19.25 -9.59
C ASP B 164 6.16 20.07 -9.55
N ARG B 165 6.28 21.39 -9.77
CA ARG B 165 5.14 22.30 -9.82
C ARG B 165 4.13 21.84 -10.86
N LEU B 166 4.61 21.56 -12.10
CA LEU B 166 3.82 21.09 -13.24
C LEU B 166 3.10 19.80 -12.87
N TYR B 167 3.81 18.87 -12.19
CA TYR B 167 3.26 17.60 -11.76
C TYR B 167 2.09 17.75 -10.74
N GLU B 168 2.16 18.76 -9.83
CA GLU B 168 1.12 19.05 -8.85
C GLU B 168 -0.11 19.58 -9.59
N GLU B 169 0.10 20.35 -10.66
CA GLU B 169 -0.97 20.89 -11.50
C GLU B 169 -1.59 19.80 -12.32
N TYR B 170 -0.77 18.89 -12.85
CA TYR B 170 -1.16 17.72 -13.61
C TYR B 170 -2.14 16.85 -12.77
N THR B 171 -1.75 16.52 -11.51
CA THR B 171 -2.47 15.72 -10.53
C THR B 171 -3.75 16.42 -10.06
N ARG B 172 -3.69 17.72 -9.77
CA ARG B 172 -4.84 18.51 -9.33
C ARG B 172 -5.91 18.51 -10.46
N THR B 173 -5.48 18.86 -11.71
CA THR B 173 -6.31 18.90 -12.91
C THR B 173 -6.92 17.52 -13.25
N SER B 174 -6.15 16.42 -13.12
CA SER B 174 -6.66 15.07 -13.38
C SER B 174 -7.82 14.76 -12.46
N GLN B 175 -7.63 15.06 -11.15
CA GLN B 175 -8.63 14.85 -10.10
C GLN B 175 -9.90 15.66 -10.35
N GLU B 176 -9.75 16.96 -10.64
CA GLU B 176 -10.85 17.88 -10.92
C GLU B 176 -11.71 17.41 -12.08
N ILE B 177 -11.07 16.96 -13.15
CA ILE B 177 -11.73 16.40 -14.35
C ILE B 177 -12.55 15.17 -13.95
N GLN B 178 -11.96 14.29 -13.10
CA GLN B 178 -12.68 13.12 -12.62
C GLN B 178 -13.91 13.52 -11.79
N MET B 179 -13.76 14.52 -10.90
CA MET B 179 -14.85 15.07 -10.07
C MET B 179 -16.04 15.57 -10.95
N LYS B 180 -15.74 16.31 -12.02
CA LYS B 180 -16.68 16.87 -12.99
C LYS B 180 -17.42 15.80 -13.80
N ARG B 181 -16.72 14.73 -14.20
CA ARG B 181 -17.34 13.64 -14.94
C ARG B 181 -18.40 12.93 -14.04
N THR B 182 -18.08 12.65 -12.76
CA THR B 182 -19.00 12.08 -11.77
C THR B 182 -20.25 13.01 -11.54
N ALA B 183 -19.98 14.33 -11.40
CA ALA B 183 -20.99 15.37 -11.23
C ALA B 183 -21.92 15.46 -12.47
N ILE B 184 -21.37 15.27 -13.70
CA ILE B 184 -22.17 15.28 -14.93
C ILE B 184 -23.05 14.03 -15.00
N GLU B 185 -22.49 12.88 -14.62
CA GLU B 185 -23.23 11.63 -14.54
C GLU B 185 -24.35 11.73 -13.47
N ALA B 186 -24.15 12.57 -12.43
CA ALA B 186 -25.13 12.81 -11.38
C ALA B 186 -26.22 13.76 -11.85
N PHE B 187 -25.89 14.79 -12.66
CA PHE B 187 -26.86 15.71 -13.27
C PHE B 187 -27.72 14.95 -14.27
N ASN B 188 -27.10 14.07 -15.07
CA ASN B 188 -27.78 13.22 -16.05
C ASN B 188 -28.93 12.44 -15.39
N GLU B 189 -28.64 11.80 -14.23
CA GLU B 189 -29.58 11.02 -13.46
C GLU B 189 -30.68 11.89 -12.85
N THR B 190 -30.33 13.09 -12.41
CA THR B 190 -31.22 14.08 -11.80
C THR B 190 -32.29 14.59 -12.79
N ILE B 191 -31.85 14.89 -14.02
CA ILE B 191 -32.68 15.37 -15.12
C ILE B 191 -33.69 14.29 -15.49
N LYS B 192 -33.25 13.02 -15.59
CA LYS B 192 -34.10 11.86 -15.91
C LYS B 192 -35.31 11.80 -14.98
N ILE B 193 -35.05 11.97 -13.67
CA ILE B 193 -36.02 11.93 -12.57
C ILE B 193 -37.02 13.06 -12.68
N PHE B 194 -36.50 14.27 -12.94
CA PHE B 194 -37.31 15.48 -13.09
C PHE B 194 -38.21 15.44 -14.32
N GLU B 195 -37.70 14.84 -15.41
CA GLU B 195 -38.43 14.60 -16.65
C GLU B 195 -39.51 13.54 -16.38
N GLU B 196 -39.17 12.44 -15.64
CA GLU B 196 -40.14 11.40 -15.26
C GLU B 196 -41.30 12.01 -14.46
N GLN B 197 -41.00 13.07 -13.69
CA GLN B 197 -41.97 13.79 -12.88
C GLN B 197 -42.97 14.55 -13.75
N CYS B 198 -42.50 15.02 -14.94
CA CYS B 198 -43.35 15.73 -15.91
C CYS B 198 -44.33 14.76 -16.52
N GLN B 199 -43.80 13.61 -16.99
CA GLN B 199 -44.53 12.48 -17.54
C GLN B 199 -45.64 12.06 -16.56
N THR B 200 -45.32 11.91 -15.26
CA THR B 200 -46.28 11.57 -14.20
C THR B 200 -47.34 12.64 -14.04
N GLN B 201 -46.96 13.93 -13.94
CA GLN B 201 -47.89 15.05 -13.80
C GLN B 201 -48.86 15.09 -14.99
N GLU B 202 -48.32 14.93 -16.23
CA GLU B 202 -49.08 14.89 -17.49
C GLU B 202 -50.06 13.72 -17.43
N ARG B 203 -49.56 12.47 -17.24
CA ARG B 203 -50.33 11.23 -17.09
C ARG B 203 -51.55 11.38 -16.19
N TYR B 204 -51.39 12.10 -15.07
CA TYR B 204 -52.46 12.30 -14.09
C TYR B 204 -53.38 13.48 -14.40
N SER B 205 -52.81 14.70 -14.62
CA SER B 205 -53.57 15.94 -14.82
C SER B 205 -54.53 15.93 -16.01
N LYS B 206 -54.21 15.23 -17.12
CA LYS B 206 -55.10 15.17 -18.29
C LYS B 206 -56.56 14.84 -17.94
N GLU B 207 -56.78 13.83 -17.08
CA GLU B 207 -58.09 13.39 -16.60
C GLU B 207 -58.75 14.42 -15.67
N TYR B 208 -57.94 15.21 -14.94
CA TYR B 208 -58.46 16.21 -14.00
C TYR B 208 -58.72 17.55 -14.69
N ILE B 209 -57.99 17.86 -15.80
CA ILE B 209 -58.17 19.08 -16.60
C ILE B 209 -59.57 19.06 -17.25
N GLU B 210 -60.02 17.88 -17.73
CA GLU B 210 -61.36 17.66 -18.30
C GLU B 210 -62.40 17.79 -17.17
N LYS B 211 -62.22 17.03 -16.06
CA LYS B 211 -63.09 17.01 -14.87
C LYS B 211 -63.31 18.39 -14.22
N PHE B 212 -62.36 19.33 -14.37
CA PHE B 212 -62.45 20.68 -13.82
C PHE B 212 -62.99 21.70 -14.83
N LYS B 213 -62.79 21.43 -16.14
CA LYS B 213 -63.29 22.30 -17.21
C LYS B 213 -64.81 22.15 -17.33
N ARG B 214 -65.33 20.92 -17.16
CA ARG B 214 -66.76 20.60 -17.18
C ARG B 214 -67.45 21.10 -15.89
N GLU B 215 -66.64 21.35 -14.84
CA GLU B 215 -67.02 21.88 -13.51
C GLU B 215 -66.77 23.41 -13.42
N GLY B 216 -66.07 23.96 -14.42
CA GLY B 216 -65.74 25.38 -14.53
C GLY B 216 -64.87 25.94 -13.42
N ASN B 217 -64.16 25.05 -12.67
CA ASN B 217 -63.27 25.41 -11.57
C ASN B 217 -61.95 25.92 -12.16
N GLU B 218 -61.95 27.19 -12.58
CA GLU B 218 -60.79 27.85 -13.20
C GLU B 218 -59.64 28.05 -12.21
N LYS B 219 -59.94 28.22 -10.92
CA LYS B 219 -58.95 28.41 -9.85
C LYS B 219 -58.06 27.17 -9.64
N GLU B 220 -58.66 25.96 -9.64
CA GLU B 220 -57.93 24.70 -9.46
C GLU B 220 -57.08 24.34 -10.66
N ILE B 221 -57.60 24.59 -11.90
CA ILE B 221 -56.90 24.38 -13.18
C ILE B 221 -55.59 25.18 -13.18
N GLN B 222 -55.66 26.45 -12.71
CA GLN B 222 -54.53 27.37 -12.59
C GLN B 222 -53.48 26.88 -11.58
N ARG B 223 -53.95 26.22 -10.49
CA ARG B 223 -53.10 25.66 -9.44
C ARG B 223 -52.17 24.58 -10.02
N ILE B 224 -52.75 23.60 -10.75
CA ILE B 224 -52.07 22.49 -11.44
C ILE B 224 -51.05 23.02 -12.46
N MET B 225 -51.42 24.01 -13.29
CA MET B 225 -50.47 24.54 -14.30
C MET B 225 -49.37 25.41 -13.70
N HIS B 226 -49.60 26.02 -12.51
CA HIS B 226 -48.59 26.80 -11.80
C HIS B 226 -47.50 25.84 -11.30
N ASN B 227 -47.91 24.64 -10.87
CA ASN B 227 -47.02 23.60 -10.40
C ASN B 227 -46.19 23.07 -11.53
N TYR B 228 -46.83 22.79 -12.68
CA TYR B 228 -46.18 22.31 -13.89
C TYR B 228 -45.12 23.32 -14.37
N ASP B 229 -45.44 24.62 -14.25
CA ASP B 229 -44.53 25.72 -14.60
C ASP B 229 -43.30 25.71 -13.67
N LYS B 230 -43.53 25.49 -12.35
CA LYS B 230 -42.51 25.41 -11.28
C LYS B 230 -41.55 24.23 -11.56
N LEU B 231 -42.11 23.11 -11.99
CA LEU B 231 -41.41 21.88 -12.31
C LEU B 231 -40.56 22.05 -13.58
N LYS B 232 -41.15 22.55 -14.68
CA LYS B 232 -40.45 22.78 -15.95
C LYS B 232 -39.32 23.84 -15.87
N SER B 233 -39.50 24.85 -15.02
CA SER B 233 -38.51 25.91 -14.82
C SER B 233 -37.33 25.38 -14.02
N ARG B 234 -37.61 24.41 -13.11
CA ARG B 234 -36.58 23.78 -12.30
C ARG B 234 -35.69 22.91 -13.20
N ILE B 235 -36.31 22.15 -14.12
CA ILE B 235 -35.61 21.33 -15.11
C ILE B 235 -34.73 22.19 -16.01
N SER B 236 -35.13 23.45 -16.24
CA SER B 236 -34.35 24.39 -17.03
C SER B 236 -33.08 24.78 -16.25
N GLU B 237 -33.22 25.06 -14.94
CA GLU B 237 -32.09 25.44 -14.06
C GLU B 237 -31.07 24.30 -13.96
N ILE B 238 -31.54 23.05 -13.81
CA ILE B 238 -30.72 21.85 -13.72
C ILE B 238 -29.99 21.60 -15.05
N ILE B 239 -30.72 21.77 -16.18
CA ILE B 239 -30.19 21.59 -17.55
C ILE B 239 -29.09 22.63 -17.84
N ASP B 240 -29.26 23.90 -17.42
CA ASP B 240 -28.28 24.96 -17.67
C ASP B 240 -27.08 24.84 -16.74
N SER B 241 -27.28 24.30 -15.51
CA SER B 241 -26.21 24.01 -14.55
C SER B 241 -25.40 22.85 -15.10
N ARG B 242 -26.06 21.86 -15.75
CA ARG B 242 -25.31 20.76 -16.38
C ARG B 242 -24.49 21.32 -17.53
N ARG B 243 -25.10 22.22 -18.33
CA ARG B 243 -24.53 22.91 -19.49
C ARG B 243 -23.28 23.68 -19.08
N ARG B 244 -23.36 24.54 -18.04
CA ARG B 244 -22.22 25.29 -17.51
C ARG B 244 -21.07 24.35 -17.07
N LEU B 245 -21.39 23.18 -16.49
CA LEU B 245 -20.39 22.20 -16.06
C LEU B 245 -19.72 21.53 -17.26
N GLU B 246 -20.50 21.25 -18.33
CA GLU B 246 -20.00 20.62 -19.55
C GLU B 246 -18.99 21.54 -20.26
N GLU B 247 -19.16 22.87 -20.17
CA GLU B 247 -18.22 23.78 -20.78
C GLU B 247 -16.99 23.98 -19.89
N ASP B 248 -17.17 23.90 -18.56
CA ASP B 248 -16.11 23.98 -17.53
C ASP B 248 -15.19 22.78 -17.65
N LEU B 249 -15.77 21.60 -17.99
CA LEU B 249 -15.06 20.35 -18.18
C LEU B 249 -14.33 20.37 -19.51
N LYS B 250 -14.96 20.93 -20.57
CA LYS B 250 -14.38 21.05 -21.92
C LYS B 250 -13.07 21.89 -21.84
N LYS B 251 -13.14 23.06 -21.17
CA LYS B 251 -12.00 23.95 -20.93
C LYS B 251 -10.93 23.22 -20.11
N GLN B 252 -11.30 22.56 -18.98
CA GLN B 252 -10.33 21.86 -18.15
C GLN B 252 -9.70 20.65 -18.85
N ALA B 253 -10.43 19.96 -19.73
CA ALA B 253 -9.87 18.84 -20.50
C ALA B 253 -8.71 19.35 -21.38
N ALA B 254 -8.91 20.53 -22.02
CA ALA B 254 -7.93 21.21 -22.87
C ALA B 254 -6.69 21.66 -22.08
N GLU B 255 -6.92 22.22 -20.88
CA GLU B 255 -5.89 22.66 -19.94
C GLU B 255 -5.01 21.46 -19.47
N TYR B 256 -5.59 20.23 -19.40
CA TYR B 256 -4.89 19.00 -19.01
C TYR B 256 -3.92 18.60 -20.12
N ARG B 257 -4.40 18.62 -21.39
CA ARG B 257 -3.64 18.28 -22.61
C ARG B 257 -2.42 19.19 -22.74
N GLU B 258 -2.54 20.46 -22.32
CA GLU B 258 -1.46 21.44 -22.37
C GLU B 258 -0.39 21.21 -21.29
N ILE B 259 -0.84 20.80 -20.08
CA ILE B 259 0.04 20.45 -18.96
C ILE B 259 0.82 19.17 -19.33
N ASP B 260 0.11 18.17 -19.92
CA ASP B 260 0.68 16.89 -20.37
C ASP B 260 1.77 17.13 -21.44
N LYS B 261 1.50 18.03 -22.40
CA LYS B 261 2.42 18.45 -23.46
C LYS B 261 3.69 19.08 -22.87
N ARG B 262 3.53 20.04 -21.94
CA ARG B 262 4.64 20.72 -21.27
C ARG B 262 5.54 19.78 -20.48
N MET B 263 4.95 18.74 -19.89
CA MET B 263 5.69 17.77 -19.08
C MET B 263 6.44 16.80 -19.90
N ASN B 264 5.92 16.47 -21.09
CA ASN B 264 6.59 15.55 -22.01
C ASN B 264 7.74 16.30 -22.68
N SER B 265 7.66 17.65 -22.68
CA SER B 265 8.68 18.52 -23.22
C SER B 265 9.83 18.68 -22.27
N ILE B 266 9.58 18.81 -20.95
CA ILE B 266 10.67 19.02 -20.02
C ILE B 266 11.29 17.71 -19.48
N LYS B 267 10.50 16.63 -19.29
CA LYS B 267 11.03 15.34 -18.84
C LYS B 267 12.39 14.96 -19.51
N PRO B 268 12.58 14.93 -20.86
CA PRO B 268 13.91 14.55 -21.40
C PRO B 268 15.00 15.59 -21.24
N ASP B 269 14.62 16.87 -21.14
CA ASP B 269 15.53 18.00 -20.94
C ASP B 269 16.06 18.02 -19.50
N LEU B 270 15.23 17.55 -18.56
CA LEU B 270 15.59 17.42 -17.15
C LEU B 270 16.52 16.21 -16.99
N ILE B 271 16.20 15.08 -17.61
CA ILE B 271 17.02 13.86 -17.58
C ILE B 271 18.41 14.16 -18.12
N GLN B 272 18.50 14.84 -19.28
CA GLN B 272 19.82 15.15 -19.88
C GLN B 272 20.64 16.13 -19.03
N LEU B 273 19.97 17.11 -18.43
CA LEU B 273 20.56 18.07 -17.51
C LEU B 273 21.18 17.37 -16.30
N ARG B 274 20.48 16.36 -15.75
CA ARG B 274 20.97 15.56 -14.64
C ARG B 274 22.19 14.74 -15.06
N LYS B 275 22.19 14.22 -16.30
CA LYS B 275 23.26 13.40 -16.86
C LYS B 275 24.56 14.17 -17.03
N THR B 276 24.47 15.43 -17.47
CA THR B 276 25.59 16.36 -17.66
C THR B 276 26.13 16.81 -16.29
N ARG B 277 25.21 17.10 -15.34
CA ARG B 277 25.54 17.51 -13.99
C ARG B 277 26.36 16.38 -13.35
N ASP B 278 25.82 15.15 -13.38
CA ASP B 278 26.47 13.95 -12.81
C ASP B 278 27.82 13.66 -13.47
N GLN B 279 27.99 14.03 -14.74
CA GLN B 279 29.21 13.89 -15.55
C GLN B 279 30.31 14.88 -15.13
N TYR B 280 29.93 16.16 -14.89
CA TYR B 280 30.83 17.22 -14.44
C TYR B 280 31.33 16.96 -13.02
N LEU B 281 30.45 16.38 -12.20
CA LEU B 281 30.69 16.00 -10.81
C LEU B 281 31.71 14.88 -10.74
N MET B 282 31.56 13.86 -11.60
CA MET B 282 32.43 12.71 -11.70
C MET B 282 33.82 13.11 -12.18
N TRP B 283 33.88 14.06 -13.13
CA TRP B 283 35.10 14.63 -13.70
C TRP B 283 35.90 15.33 -12.61
N LEU B 284 35.21 16.15 -11.78
CA LEU B 284 35.71 16.93 -10.65
C LEU B 284 36.17 16.01 -9.52
N THR B 285 35.45 14.88 -9.31
CA THR B 285 35.80 13.85 -8.35
C THR B 285 37.14 13.27 -8.78
N GLN B 286 37.26 12.88 -10.07
CA GLN B 286 38.45 12.26 -10.67
C GLN B 286 39.67 13.20 -10.76
N LYS B 287 39.47 14.47 -11.20
CA LYS B 287 40.54 15.46 -11.34
C LYS B 287 40.76 16.27 -10.04
N GLY B 288 40.82 15.53 -8.93
CA GLY B 288 41.03 16.02 -7.57
C GLY B 288 41.67 14.93 -6.71
N VAL B 289 42.24 15.32 -5.55
CA VAL B 289 42.90 14.39 -4.63
C VAL B 289 41.92 13.30 -4.15
N ARG B 290 42.30 12.01 -4.37
CA ARG B 290 41.53 10.83 -3.98
C ARG B 290 42.29 9.92 -3.02
N GLN B 291 41.56 9.43 -1.99
CA GLN B 291 42.00 8.50 -0.95
C GLN B 291 40.80 8.08 -0.08
N LYS B 292 41.03 7.22 0.97
CA LYS B 292 40.05 6.63 1.93
C LYS B 292 39.32 7.75 2.69
#